data_5VL2
#
_entry.id   5VL2
#
_cell.length_a   98.803
_cell.length_b   55.304
_cell.length_c   103.426
_cell.angle_alpha   90.00
_cell.angle_beta   111.66
_cell.angle_gamma   90.00
#
_symmetry.space_group_name_H-M   'P 1 21 1'
#
loop_
_entity.id
_entity.type
_entity.pdbx_description
1 polymer 'T4 nanobody'
2 non-polymer "N-(4-chlorophenyl)-N'-(3,4-dichlorophenyl)urea"
3 water water
#
_entity_poly.entity_id   1
_entity_poly.type   'polypeptide(L)'
_entity_poly.pdbx_seq_one_letter_code
;MAQVQLQQSGGGLVQAGGSLRLSCAASGRTHTPYAMGWFRQAPGKEREFVGGIGGVAATTTYADSVRGRFTISRDDAKAT
VYLQMNSLKPEDTAVYYCATRASMAVSTSPRVYPIWGQGTQVTVSSHHHHHH
;
_entity_poly.pdbx_strand_id   A,B,C,D,E,F,G,H
#
loop_
_chem_comp.id
_chem_comp.type
_chem_comp.name
_chem_comp.formula
9EG non-polymer N-(4-chlorophenyl)-N'-(3,4-dichlorophenyl)urea 'C13 H9 Cl3 N2 O'
#
# COMPACT_ATOMS: atom_id res chain seq x y z
N ALA A 2 27.00 -11.68 -5.03
CA ALA A 2 27.04 -11.10 -6.46
C ALA A 2 27.90 -9.85 -6.54
N GLN A 3 28.58 -9.66 -7.64
CA GLN A 3 29.44 -8.48 -7.83
C GLN A 3 28.62 -7.21 -7.88
N VAL A 4 27.40 -7.33 -8.40
CA VAL A 4 26.52 -6.23 -8.66
C VAL A 4 25.09 -6.63 -8.30
N GLN A 5 24.35 -5.64 -7.79
CA GLN A 5 22.97 -5.78 -7.43
C GLN A 5 22.20 -4.84 -8.33
N LEU A 6 21.08 -5.33 -8.83
CA LEU A 6 20.20 -4.56 -9.70
C LEU A 6 18.88 -4.38 -9.01
N GLN A 7 18.51 -3.13 -8.82
CA GLN A 7 17.24 -2.78 -8.24
C GLN A 7 16.33 -2.09 -9.24
N GLN A 8 15.19 -2.69 -9.49
CA GLN A 8 14.24 -2.14 -10.42
C GLN A 8 13.15 -1.28 -9.77
N SER A 9 12.69 -0.27 -10.51
CA SER A 9 11.57 0.61 -10.16
C SER A 9 10.70 0.94 -11.36
N GLY A 10 9.48 1.37 -11.06
CA GLY A 10 8.58 2.07 -12.01
C GLY A 10 7.54 1.38 -12.91
N GLY A 11 6.97 0.26 -12.51
CA GLY A 11 5.93 -0.37 -13.34
C GLY A 11 4.52 0.11 -13.03
N GLY A 12 3.55 -0.76 -13.28
CA GLY A 12 2.17 -0.54 -12.94
C GLY A 12 1.18 -0.90 -14.02
N LEU A 13 0.02 -0.27 -13.95
CA LEU A 13 -1.13 -0.68 -14.73
C LEU A 13 -1.48 0.52 -15.56
N VAL A 14 -1.55 0.35 -16.87
CA VAL A 14 -1.92 1.45 -17.76
C VAL A 14 -2.95 0.96 -18.77
N GLN A 15 -3.59 1.92 -19.46
CA GLN A 15 -4.46 1.62 -20.59
C GLN A 15 -3.64 1.49 -21.86
N ALA A 16 -4.17 0.71 -22.82
CA ALA A 16 -3.59 0.60 -24.17
C ALA A 16 -3.33 1.99 -24.79
N GLY A 17 -2.14 2.16 -25.41
CA GLY A 17 -1.71 3.46 -25.89
C GLY A 17 -0.92 4.23 -24.88
N GLY A 18 -0.87 3.78 -23.63
CA GLY A 18 -0.15 4.50 -22.58
C GLY A 18 1.37 4.34 -22.62
N SER A 19 2.01 4.97 -21.63
CA SER A 19 3.48 4.98 -21.50
C SER A 19 3.86 4.60 -20.11
N LEU A 20 5.04 4.00 -19.96
CA LEU A 20 5.60 3.71 -18.66
C LEU A 20 7.10 3.82 -18.79
N ARG A 21 7.76 4.20 -17.72
CA ARG A 21 9.22 4.14 -17.70
C ARG A 21 9.75 3.31 -16.56
N LEU A 22 10.57 2.32 -16.90
CA LEU A 22 11.19 1.46 -15.90
C LEU A 22 12.61 1.87 -15.79
N SER A 23 13.14 1.69 -14.58
CA SER A 23 14.52 1.97 -14.24
C SER A 23 15.13 0.74 -13.62
N CYS A 24 16.42 0.60 -13.83
CA CYS A 24 17.19 -0.48 -13.26
C CYS A 24 18.50 0.10 -12.75
N ALA A 25 18.55 0.32 -11.43
CA ALA A 25 19.70 0.97 -10.79
C ALA A 25 20.68 -0.09 -10.31
N ALA A 26 21.93 0.06 -10.74
CA ALA A 26 22.96 -0.93 -10.46
C ALA A 26 23.84 -0.42 -9.37
N SER A 27 24.22 -1.30 -8.44
CA SER A 27 25.18 -0.94 -7.43
C SER A 27 26.15 -2.09 -7.18
N GLY A 28 27.30 -1.75 -6.64
CA GLY A 28 28.34 -2.70 -6.33
C GLY A 28 29.45 -2.40 -7.29
N ARG A 29 30.07 -3.44 -7.81
CA ARG A 29 31.20 -3.26 -8.73
C ARG A 29 30.76 -3.01 -10.19
N THR A 30 30.09 -1.88 -10.36
CA THR A 30 29.49 -1.58 -11.65
C THR A 30 30.53 -1.17 -12.73
N HIS A 31 30.17 -1.45 -13.97
CA HIS A 31 30.96 -1.15 -15.15
C HIS A 31 29.91 -0.90 -16.28
N THR A 32 29.68 0.38 -16.61
CA THR A 32 28.54 0.79 -17.40
C THR A 32 28.63 0.39 -18.88
N PRO A 33 29.84 0.10 -19.41
CA PRO A 33 29.86 -0.44 -20.78
C PRO A 33 29.38 -1.90 -20.88
N TYR A 34 29.19 -2.58 -19.75
CA TYR A 34 28.75 -3.96 -19.83
C TYR A 34 27.30 -4.00 -20.27
N ALA A 35 26.94 -5.06 -20.98
CA ALA A 35 25.57 -5.27 -21.45
C ALA A 35 24.51 -5.29 -20.33
N MET A 36 23.48 -4.48 -20.51
CA MET A 36 22.28 -4.59 -19.74
C MET A 36 21.18 -4.98 -20.69
N GLY A 37 20.56 -6.12 -20.45
CA GLY A 37 19.44 -6.66 -21.23
C GLY A 37 18.14 -6.44 -20.50
N TRP A 38 17.07 -6.18 -21.26
CA TRP A 38 15.69 -6.20 -20.75
C TRP A 38 15.00 -7.45 -21.31
N PHE A 39 14.33 -8.16 -20.44
CA PHE A 39 13.63 -9.41 -20.79
C PHE A 39 12.26 -9.31 -20.18
N ARG A 40 11.28 -10.02 -20.71
CA ARG A 40 9.98 -9.98 -20.08
C ARG A 40 9.41 -11.38 -20.09
N GLN A 41 8.54 -11.64 -19.13
CA GLN A 41 7.93 -12.96 -19.01
C GLN A 41 6.47 -12.79 -18.72
N ALA A 42 5.67 -13.11 -19.71
CA ALA A 42 4.22 -13.05 -19.62
C ALA A 42 3.69 -14.39 -19.07
N PRO A 43 2.43 -14.42 -18.65
CA PRO A 43 1.96 -15.63 -18.04
C PRO A 43 1.99 -16.76 -19.08
N GLY A 44 2.48 -17.94 -18.70
CA GLY A 44 2.50 -19.07 -19.65
C GLY A 44 3.64 -19.07 -20.67
N LYS A 45 4.52 -18.07 -20.63
CA LYS A 45 5.60 -17.98 -21.64
C LYS A 45 7.00 -18.00 -21.02
N GLU A 46 8.01 -18.27 -21.84
CA GLU A 46 9.42 -18.07 -21.43
C GLU A 46 9.82 -16.59 -21.41
N ARG A 47 11.00 -16.32 -20.85
CA ARG A 47 11.55 -14.98 -20.77
C ARG A 47 11.89 -14.55 -22.19
N GLU A 48 11.31 -13.46 -22.70
CA GLU A 48 11.62 -13.08 -24.07
C GLU A 48 12.45 -11.80 -24.03
N PHE A 49 13.47 -11.78 -24.88
CA PHE A 49 14.32 -10.58 -25.01
C PHE A 49 13.52 -9.39 -25.58
N VAL A 50 13.67 -8.25 -24.95
CA VAL A 50 13.02 -6.99 -25.35
C VAL A 50 14.03 -6.06 -26.05
N GLY A 51 15.15 -5.88 -25.39
CA GLY A 51 16.23 -5.04 -25.93
C GLY A 51 17.43 -5.04 -25.00
N GLY A 52 18.51 -4.42 -25.46
CA GLY A 52 19.70 -4.31 -24.66
C GLY A 52 20.47 -3.04 -24.97
N ILE A 53 21.36 -2.69 -24.06
CA ILE A 53 22.28 -1.57 -24.24
C ILE A 53 23.69 -1.99 -23.78
N GLY A 54 24.69 -1.59 -24.55
CA GLY A 54 26.08 -2.05 -24.33
C GLY A 54 27.11 -1.18 -25.03
N GLY A 55 28.37 -1.28 -24.58
CA GLY A 55 29.47 -0.65 -25.27
C GLY A 55 29.76 0.70 -24.67
N VAL A 56 30.95 1.20 -24.95
CA VAL A 56 31.35 2.51 -24.47
C VAL A 56 30.45 3.59 -25.14
N ALA A 57 29.89 3.29 -26.30
CA ALA A 57 29.00 4.28 -26.95
C ALA A 57 27.48 4.06 -26.73
N ALA A 58 27.10 3.20 -25.80
CA ALA A 58 25.72 2.98 -25.44
C ALA A 58 24.83 2.57 -26.64
N THR A 59 25.32 1.61 -27.41
CA THR A 59 24.57 1.13 -28.55
C THR A 59 23.38 0.25 -28.10
N THR A 60 22.23 0.45 -28.72
CA THR A 60 21.06 -0.31 -28.40
C THR A 60 20.61 -1.24 -29.53
N THR A 61 19.98 -2.34 -29.10
CA THR A 61 19.39 -3.34 -29.99
C THR A 61 17.99 -3.70 -29.42
N TYR A 62 17.05 -3.98 -30.34
CA TYR A 62 15.64 -4.15 -30.01
C TYR A 62 15.07 -5.37 -30.69
N ALA A 63 14.18 -6.06 -29.97
CA ALA A 63 13.31 -7.07 -30.58
C ALA A 63 12.33 -6.44 -31.55
N ASP A 64 11.98 -7.20 -32.59
CA ASP A 64 11.05 -6.75 -33.60
C ASP A 64 9.73 -6.24 -33.04
N SER A 65 9.24 -6.88 -31.99
CA SER A 65 7.89 -6.55 -31.48
C SER A 65 7.84 -5.26 -30.70
N VAL A 66 8.99 -4.69 -30.35
CA VAL A 66 9.00 -3.45 -29.53
C VAL A 66 9.72 -2.25 -30.18
N ARG A 67 10.33 -2.46 -31.34
CA ARG A 67 11.09 -1.41 -31.99
C ARG A 67 10.23 -0.18 -32.30
N GLY A 68 10.78 1.01 -32.16
CA GLY A 68 10.00 2.21 -32.37
C GLY A 68 9.21 2.58 -31.10
N ARG A 69 8.58 1.62 -30.42
CA ARG A 69 7.73 1.95 -29.28
C ARG A 69 8.50 2.06 -27.95
N PHE A 70 9.49 1.18 -27.75
CA PHE A 70 10.29 1.10 -26.53
C PHE A 70 11.69 1.65 -26.83
N THR A 71 12.25 2.35 -25.88
CA THR A 71 13.57 2.96 -26.04
C THR A 71 14.43 2.69 -24.79
N ILE A 72 15.67 2.25 -24.96
CA ILE A 72 16.55 1.97 -23.83
C ILE A 72 17.57 3.05 -23.81
N SER A 73 17.90 3.51 -22.60
CA SER A 73 18.93 4.51 -22.38
C SER A 73 19.64 4.23 -21.06
N ARG A 74 20.75 4.91 -20.85
CA ARG A 74 21.43 4.80 -19.60
C ARG A 74 22.03 6.14 -19.14
N ASP A 75 22.05 6.29 -17.82
CA ASP A 75 22.79 7.35 -17.13
C ASP A 75 24.02 6.72 -16.40
N ASP A 76 25.21 6.95 -16.98
CA ASP A 76 26.46 6.41 -16.48
C ASP A 76 26.73 6.86 -15.04
N ALA A 77 26.55 8.12 -14.72
CA ALA A 77 26.94 8.57 -13.37
C ALA A 77 26.01 7.96 -12.30
N LYS A 78 24.78 7.66 -12.68
CA LYS A 78 23.84 7.05 -11.76
C LYS A 78 23.87 5.55 -11.81
N ALA A 79 24.64 4.99 -12.73
CA ALA A 79 24.69 3.55 -12.93
C ALA A 79 23.32 2.98 -13.13
N THR A 80 22.49 3.72 -13.87
CA THR A 80 21.09 3.34 -14.09
C THR A 80 20.77 3.23 -15.59
N VAL A 81 20.01 2.19 -15.93
CA VAL A 81 19.54 1.92 -17.31
C VAL A 81 18.00 2.03 -17.27
N TYR A 82 17.40 2.70 -18.27
CA TYR A 82 15.95 2.92 -18.38
C TYR A 82 15.34 2.13 -19.53
N LEU A 83 14.08 1.76 -19.38
CA LEU A 83 13.31 1.23 -20.48
C LEU A 83 12.03 2.07 -20.57
N GLN A 84 12.02 2.95 -21.57
CA GLN A 84 10.91 3.82 -21.86
C GLN A 84 9.97 3.07 -22.76
N MET A 85 8.75 2.92 -22.31
CA MET A 85 7.73 2.26 -23.08
C MET A 85 6.61 3.24 -23.50
N ASN A 86 6.37 3.30 -24.80
CA ASN A 86 5.24 4.02 -25.42
C ASN A 86 4.36 3.09 -26.26
N SER A 87 3.19 3.61 -26.66
CA SER A 87 2.15 2.89 -27.38
C SER A 87 1.95 1.49 -26.86
N LEU A 88 1.70 1.38 -25.56
CA LEU A 88 1.68 0.07 -24.96
C LEU A 88 0.46 -0.69 -25.44
N LYS A 89 0.60 -2.02 -25.52
CA LYS A 89 -0.47 -2.90 -25.98
C LYS A 89 -0.68 -3.96 -24.92
N PRO A 90 -1.91 -4.53 -24.85
CA PRO A 90 -2.22 -5.61 -23.92
C PRO A 90 -1.22 -6.75 -23.96
N GLU A 91 -0.72 -7.04 -25.15
CA GLU A 91 0.26 -8.09 -25.36
C GLU A 91 1.60 -7.75 -24.68
N ASP A 92 1.79 -6.49 -24.28
CA ASP A 92 3.03 -6.10 -23.57
C ASP A 92 2.96 -6.42 -22.08
N THR A 93 1.84 -6.96 -21.63
CA THR A 93 1.66 -7.27 -20.19
C THR A 93 2.63 -8.39 -19.83
N ALA A 94 3.40 -8.18 -18.79
CA ALA A 94 4.41 -9.13 -18.36
C ALA A 94 5.12 -8.61 -17.12
N VAL A 95 5.91 -9.48 -16.51
CA VAL A 95 6.92 -9.10 -15.55
C VAL A 95 8.20 -8.81 -16.34
N TYR A 96 8.66 -7.57 -16.25
CA TYR A 96 9.89 -7.12 -16.90
C TYR A 96 11.11 -7.21 -15.97
N TYR A 97 12.21 -7.70 -16.53
CA TYR A 97 13.48 -7.89 -15.83
C TYR A 97 14.63 -7.21 -16.56
N CYS A 98 15.55 -6.61 -15.80
CA CYS A 98 16.87 -6.23 -16.34
C CYS A 98 17.84 -7.30 -15.88
N ALA A 99 18.90 -7.44 -16.63
CA ALA A 99 19.92 -8.43 -16.34
C ALA A 99 21.23 -7.90 -16.90
N THR A 100 22.35 -8.31 -16.33
CA THR A 100 23.63 -7.89 -16.79
C THR A 100 24.69 -9.03 -16.72
N ARG A 101 25.79 -8.82 -17.38
CA ARG A 101 26.85 -9.82 -17.62
C ARG A 101 28.15 -9.13 -17.85
N ALA A 102 29.23 -9.86 -17.63
CA ALA A 102 30.58 -9.33 -17.75
C ALA A 102 31.09 -9.29 -19.20
N SER A 103 30.34 -8.64 -20.09
CA SER A 103 30.74 -8.44 -21.49
C SER A 103 29.97 -7.25 -22.03
N MET A 104 30.55 -6.54 -22.97
CA MET A 104 29.82 -5.44 -23.64
C MET A 104 28.72 -5.99 -24.56
N ALA A 105 28.78 -7.27 -24.92
CA ALA A 105 27.92 -7.84 -25.96
C ALA A 105 26.55 -8.18 -25.41
N VAL A 106 25.53 -7.71 -26.08
CA VAL A 106 24.17 -8.05 -25.74
C VAL A 106 23.78 -9.40 -26.41
N SER A 107 23.19 -10.28 -25.63
CA SER A 107 22.66 -11.55 -26.15
C SER A 107 21.17 -11.63 -25.94
N THR A 108 20.50 -12.32 -26.84
CA THR A 108 19.07 -12.65 -26.70
C THR A 108 18.77 -13.78 -25.75
N SER A 109 19.78 -14.52 -25.31
CA SER A 109 19.54 -15.61 -24.38
C SER A 109 19.57 -15.14 -22.91
N PRO A 110 18.49 -15.35 -22.16
CA PRO A 110 18.61 -14.94 -20.73
C PRO A 110 19.71 -15.71 -19.94
N ARG A 111 20.12 -16.86 -20.46
CA ARG A 111 20.95 -17.80 -19.70
C ARG A 111 22.39 -17.37 -19.58
N VAL A 112 22.82 -16.44 -20.43
CA VAL A 112 24.17 -15.93 -20.38
C VAL A 112 24.29 -14.69 -19.52
N TYR A 113 23.21 -14.28 -18.86
CA TYR A 113 23.24 -13.16 -17.90
C TYR A 113 23.14 -13.75 -16.52
N PRO A 114 24.22 -13.66 -15.72
CA PRO A 114 24.19 -14.24 -14.36
C PRO A 114 23.56 -13.32 -13.30
N ILE A 115 23.32 -12.06 -13.65
CA ILE A 115 22.83 -11.10 -12.65
C ILE A 115 21.48 -10.52 -13.04
N TRP A 116 20.49 -10.64 -12.16
CA TRP A 116 19.10 -10.35 -12.45
C TRP A 116 18.56 -9.33 -11.50
N GLY A 117 17.73 -8.43 -12.02
CA GLY A 117 16.90 -7.57 -11.19
C GLY A 117 15.68 -8.33 -10.67
N GLN A 118 14.92 -7.70 -9.78
CA GLN A 118 13.85 -8.41 -9.08
C GLN A 118 12.58 -8.61 -9.91
N GLY A 119 12.44 -7.85 -11.01
CA GLY A 119 11.21 -7.93 -11.82
C GLY A 119 10.23 -6.85 -11.42
N THR A 120 9.53 -6.32 -12.42
CA THR A 120 8.52 -5.30 -12.26
C THR A 120 7.34 -5.74 -13.08
N GLN A 121 6.17 -5.86 -12.46
CA GLN A 121 4.88 -6.02 -13.19
C GLN A 121 4.47 -4.77 -13.95
N VAL A 122 4.14 -4.99 -15.21
CA VAL A 122 3.58 -4.01 -16.14
C VAL A 122 2.28 -4.70 -16.61
N THR A 123 1.16 -4.02 -16.52
CA THR A 123 -0.13 -4.53 -16.99
C THR A 123 -0.83 -3.49 -17.86
N VAL A 124 -1.25 -3.92 -19.06
CA VAL A 124 -1.86 -3.04 -20.01
C VAL A 124 -3.30 -3.48 -20.30
N SER A 125 -4.26 -2.65 -19.92
CA SER A 125 -5.70 -2.93 -20.18
C SER A 125 -6.14 -2.70 -21.60
N SER A 126 -7.08 -3.51 -22.07
CA SER A 126 -7.73 -3.22 -23.35
C SER A 126 -8.95 -2.32 -23.13
N MET B 1 1.99 14.29 12.86
CA MET B 1 1.24 15.10 13.84
C MET B 1 0.54 14.23 14.88
N ALA B 2 -0.51 13.50 14.51
CA ALA B 2 -1.28 12.76 15.52
C ALA B 2 -0.47 11.56 16.07
N GLN B 3 -0.51 11.35 17.38
CA GLN B 3 0.28 10.28 17.99
C GLN B 3 -0.21 8.88 17.64
N VAL B 4 -1.48 8.76 17.31
CA VAL B 4 -2.09 7.48 16.98
C VAL B 4 -3.02 7.67 15.81
N GLN B 5 -3.11 6.66 14.96
CA GLN B 5 -4.08 6.61 13.84
C GLN B 5 -5.09 5.48 14.04
N LEU B 6 -6.37 5.78 13.81
CA LEU B 6 -7.45 4.79 13.91
C LEU B 6 -7.98 4.36 12.54
N GLN B 7 -7.96 3.09 12.27
CA GLN B 7 -8.35 2.61 10.98
C GLN B 7 -9.59 1.77 11.22
N GLN B 8 -10.74 2.21 10.70
CA GLN B 8 -11.99 1.47 10.85
C GLN B 8 -12.25 0.50 9.76
N SER B 9 -12.89 -0.60 10.12
CA SER B 9 -13.34 -1.54 9.10
C SER B 9 -14.69 -2.19 9.42
N GLY B 10 -15.43 -2.47 8.33
CA GLY B 10 -16.78 -3.04 8.40
C GLY B 10 -17.76 -2.04 7.80
N GLY B 11 -19.02 -2.34 7.95
CA GLY B 11 -20.06 -1.39 7.60
C GLY B 11 -20.85 -1.90 6.43
N GLY B 12 -21.94 -1.22 6.14
CA GLY B 12 -22.77 -1.54 5.01
C GLY B 12 -24.21 -1.75 5.41
N LEU B 13 -24.90 -2.54 4.63
CA LEU B 13 -26.32 -2.75 4.77
C LEU B 13 -26.61 -4.15 5.35
N VAL B 14 -27.43 -4.15 6.39
CA VAL B 14 -27.79 -5.35 7.12
C VAL B 14 -29.29 -5.35 7.28
N GLN B 15 -29.92 -6.52 7.42
CA GLN B 15 -31.36 -6.53 7.69
C GLN B 15 -31.66 -6.33 9.20
N ALA B 16 -32.81 -5.73 9.53
CA ALA B 16 -33.23 -5.60 10.92
C ALA B 16 -33.20 -6.96 11.59
N GLY B 17 -32.79 -7.01 12.84
CA GLY B 17 -32.57 -8.28 13.55
C GLY B 17 -31.18 -8.88 13.35
N GLY B 18 -30.42 -8.34 12.42
CA GLY B 18 -29.17 -8.94 12.02
C GLY B 18 -28.01 -8.49 12.91
N SER B 19 -26.81 -8.92 12.49
CA SER B 19 -25.55 -8.70 13.21
C SER B 19 -24.45 -8.19 12.33
N LEU B 20 -23.52 -7.44 12.93
CA LEU B 20 -22.36 -6.92 12.20
C LEU B 20 -21.30 -6.58 13.25
N ARG B 21 -20.04 -6.90 12.96
CA ARG B 21 -18.96 -6.44 13.80
C ARG B 21 -18.14 -5.31 13.12
N LEU B 22 -17.90 -4.25 13.86
CA LEU B 22 -16.98 -3.25 13.40
C LEU B 22 -15.69 -3.37 14.18
N SER B 23 -14.61 -2.91 13.57
CA SER B 23 -13.27 -2.94 14.11
C SER B 23 -12.68 -1.58 13.97
N CYS B 24 -11.74 -1.27 14.85
CA CYS B 24 -11.03 0.00 14.94
C CYS B 24 -9.58 -0.31 15.33
N ALA B 25 -8.70 -0.37 14.32
CA ALA B 25 -7.33 -0.79 14.51
C ALA B 25 -6.50 0.47 14.71
N ALA B 26 -5.79 0.50 15.84
CA ALA B 26 -4.94 1.63 16.19
C ALA B 26 -3.52 1.35 15.84
N SER B 27 -2.83 2.36 15.33
CA SER B 27 -1.40 2.25 15.11
C SER B 27 -0.67 3.52 15.52
N GLY B 28 0.64 3.40 15.75
CA GLY B 28 1.48 4.50 16.22
C GLY B 28 1.80 4.30 17.68
N ARG B 29 1.71 5.36 18.48
CA ARG B 29 2.04 5.24 19.87
C ARG B 29 0.86 4.80 20.69
N THR B 30 0.45 3.55 20.50
CA THR B 30 -0.79 3.03 21.10
C THR B 30 -0.61 2.62 22.57
N HIS B 31 -1.65 2.85 23.36
CA HIS B 31 -1.64 2.55 24.78
C HIS B 31 -3.02 2.01 25.07
N THR B 32 -3.10 0.69 25.20
CA THR B 32 -4.39 0.03 25.14
C THR B 32 -5.31 0.27 26.35
N PRO B 33 -4.76 0.64 27.55
CA PRO B 33 -5.61 1.08 28.66
C PRO B 33 -6.38 2.40 28.42
N TYR B 34 -5.96 3.18 27.44
CA TYR B 34 -6.70 4.40 27.18
C TYR B 34 -8.10 4.16 26.62
N ALA B 35 -8.99 5.08 26.94
CA ALA B 35 -10.38 5.05 26.48
C ALA B 35 -10.50 5.05 24.97
N MET B 36 -11.29 4.09 24.49
CA MET B 36 -11.71 4.05 23.11
C MET B 36 -13.21 4.17 23.18
N GLY B 37 -13.75 5.25 22.60
CA GLY B 37 -15.18 5.52 22.58
C GLY B 37 -15.75 5.24 21.22
N TRP B 38 -16.98 4.70 21.19
CA TRP B 38 -17.75 4.58 19.97
C TRP B 38 -18.86 5.62 19.97
N PHE B 39 -18.99 6.29 18.84
CA PHE B 39 -20.00 7.32 18.63
C PHE B 39 -20.70 7.10 17.31
N ARG B 40 -21.94 7.52 17.21
CA ARG B 40 -22.64 7.41 15.95
C ARG B 40 -23.34 8.73 15.61
N GLN B 41 -23.47 8.98 14.32
CA GLN B 41 -24.16 10.20 13.83
C GLN B 41 -25.12 9.90 12.68
N ALA B 42 -26.40 10.09 12.93
CA ALA B 42 -27.46 9.86 11.96
C ALA B 42 -27.78 11.21 11.29
N PRO B 43 -28.37 11.20 10.08
CA PRO B 43 -28.76 12.42 9.40
C PRO B 43 -29.40 13.40 10.33
N GLY B 44 -28.83 14.62 10.39
CA GLY B 44 -29.44 15.74 11.11
C GLY B 44 -29.31 15.74 12.62
N LYS B 45 -28.65 14.71 13.18
CA LYS B 45 -28.48 14.56 14.62
C LYS B 45 -27.04 14.90 15.07
N GLU B 46 -26.84 15.23 16.34
CA GLU B 46 -25.43 15.28 16.84
C GLU B 46 -24.79 13.86 16.91
N ARG B 47 -23.46 13.81 17.05
CA ARG B 47 -22.75 12.59 17.33
C ARG B 47 -23.28 12.10 18.70
N GLU B 48 -23.75 10.86 18.82
CA GLU B 48 -24.14 10.38 20.14
C GLU B 48 -23.26 9.20 20.58
N PHE B 49 -22.97 9.19 21.88
CA PHE B 49 -22.15 8.18 22.51
C PHE B 49 -22.87 6.85 22.39
N VAL B 50 -22.18 5.79 21.98
CA VAL B 50 -22.73 4.45 21.90
C VAL B 50 -22.24 3.59 23.07
N GLY B 51 -20.93 3.66 23.34
CA GLY B 51 -20.28 2.87 24.42
C GLY B 51 -18.77 3.11 24.44
N GLY B 52 -18.09 2.60 25.46
CA GLY B 52 -16.68 2.69 25.51
C GLY B 52 -16.05 1.62 26.37
N ILE B 53 -14.73 1.50 26.18
CA ILE B 53 -13.86 0.54 26.87
C ILE B 53 -12.58 1.29 27.32
N GLY B 54 -12.23 1.15 28.59
CA GLY B 54 -11.04 1.80 29.14
C GLY B 54 -10.52 1.03 30.32
N GLY B 55 -9.29 1.31 30.70
CA GLY B 55 -8.74 0.75 31.95
C GLY B 55 -7.80 -0.39 31.68
N VAL B 56 -6.90 -0.63 32.64
CA VAL B 56 -6.05 -1.81 32.67
C VAL B 56 -6.91 -3.05 32.78
N ALA B 57 -7.78 -3.04 33.76
CA ALA B 57 -8.83 -4.00 33.86
C ALA B 57 -9.98 -3.40 33.05
N ALA B 58 -10.25 -4.01 31.89
CA ALA B 58 -10.96 -3.42 30.72
C ALA B 58 -12.47 -3.18 30.90
N THR B 59 -12.84 -2.04 31.43
CA THR B 59 -14.20 -1.81 31.80
C THR B 59 -14.96 -1.23 30.64
N THR B 60 -16.21 -1.67 30.46
CA THR B 60 -17.07 -1.14 29.42
C THR B 60 -18.31 -0.42 29.98
N THR B 61 -18.74 0.59 29.24
CA THR B 61 -19.96 1.32 29.52
C THR B 61 -20.78 1.52 28.22
N TYR B 62 -22.12 1.54 28.34
CA TYR B 62 -23.04 1.50 27.20
C TYR B 62 -24.13 2.55 27.35
N ALA B 63 -24.52 3.18 26.22
CA ALA B 63 -25.69 4.01 26.16
C ALA B 63 -26.90 3.12 26.36
N ASP B 64 -27.92 3.62 27.07
CA ASP B 64 -29.20 2.89 27.28
C ASP B 64 -29.76 2.29 25.99
N SER B 65 -29.67 3.02 24.89
CA SER B 65 -30.30 2.62 23.62
C SER B 65 -29.67 1.40 22.91
N VAL B 66 -28.47 1.01 23.33
CA VAL B 66 -27.75 -0.12 22.70
C VAL B 66 -27.37 -1.20 23.72
N ARG B 67 -27.58 -0.93 24.99
CA ARG B 67 -27.23 -1.90 26.00
C ARG B 67 -27.88 -3.28 25.75
N GLY B 68 -27.12 -4.33 25.95
CA GLY B 68 -27.59 -5.68 25.65
C GLY B 68 -27.71 -6.03 24.17
N ARG B 69 -27.48 -5.11 23.24
CA ARG B 69 -27.51 -5.45 21.82
C ARG B 69 -26.16 -5.28 21.17
N PHE B 70 -25.45 -4.24 21.57
CA PHE B 70 -24.07 -3.99 21.20
C PHE B 70 -23.06 -4.36 22.29
N THR B 71 -21.91 -4.87 21.88
CA THR B 71 -20.87 -5.23 22.85
C THR B 71 -19.50 -4.82 22.38
N ILE B 72 -18.75 -4.27 23.31
CA ILE B 72 -17.46 -3.74 23.01
C ILE B 72 -16.38 -4.61 23.67
N SER B 73 -15.32 -4.87 22.95
CA SER B 73 -14.22 -5.74 23.42
C SER B 73 -12.92 -5.19 22.75
N ARG B 74 -11.75 -5.50 23.29
CA ARG B 74 -10.49 -5.14 22.65
C ARG B 74 -9.53 -6.33 22.68
N ASP B 75 -8.61 -6.32 21.72
CA ASP B 75 -7.51 -7.25 21.59
C ASP B 75 -6.25 -6.43 21.74
N ASP B 76 -5.59 -6.56 22.89
CA ASP B 76 -4.40 -5.74 23.17
C ASP B 76 -3.27 -5.97 22.16
N ALA B 77 -2.94 -7.23 21.87
CA ALA B 77 -1.88 -7.55 20.91
C ALA B 77 -2.14 -6.99 19.50
N LYS B 78 -3.39 -6.98 19.05
CA LYS B 78 -3.71 -6.37 17.76
C LYS B 78 -3.92 -4.90 17.87
N ALA B 79 -3.91 -4.33 19.08
CA ALA B 79 -4.29 -2.93 19.29
C ALA B 79 -5.56 -2.54 18.54
N THR B 80 -6.59 -3.40 18.64
CA THR B 80 -7.83 -3.26 17.91
C THR B 80 -9.03 -3.32 18.88
N VAL B 81 -10.03 -2.46 18.65
CA VAL B 81 -11.23 -2.46 19.47
C VAL B 81 -12.36 -2.81 18.52
N TYR B 82 -13.32 -3.56 19.04
CA TYR B 82 -14.46 -4.09 18.29
C TYR B 82 -15.73 -3.58 18.87
N LEU B 83 -16.72 -3.34 17.98
CA LEU B 83 -18.09 -3.10 18.36
C LEU B 83 -18.92 -4.18 17.67
N GLN B 84 -19.34 -5.17 18.45
CA GLN B 84 -20.22 -6.20 17.99
C GLN B 84 -21.64 -5.70 18.09
N MET B 85 -22.35 -5.67 16.96
CA MET B 85 -23.74 -5.25 16.95
C MET B 85 -24.66 -6.42 16.72
N ASN B 86 -25.58 -6.67 17.64
CA ASN B 86 -26.66 -7.64 17.40
C ASN B 86 -28.04 -6.99 17.48
N SER B 87 -29.05 -7.70 16.99
CA SER B 87 -30.44 -7.31 17.15
C SER B 87 -30.65 -5.93 16.53
N LEU B 88 -30.08 -5.72 15.35
CA LEU B 88 -30.01 -4.38 14.75
C LEU B 88 -31.40 -3.90 14.40
N LYS B 89 -31.63 -2.61 14.53
CA LYS B 89 -32.87 -1.96 14.10
C LYS B 89 -32.61 -0.75 13.20
N PRO B 90 -33.65 -0.29 12.47
CA PRO B 90 -33.55 0.91 11.62
C PRO B 90 -32.98 2.11 12.31
N GLU B 91 -33.44 2.34 13.53
CA GLU B 91 -33.01 3.45 14.33
C GLU B 91 -31.50 3.43 14.54
N ASP B 92 -30.83 2.28 14.34
CA ASP B 92 -29.39 2.24 14.46
C ASP B 92 -28.62 2.78 13.27
N THR B 93 -29.32 3.08 12.18
CA THR B 93 -28.67 3.51 10.96
C THR B 93 -27.92 4.81 11.24
N ALA B 94 -26.65 4.84 10.94
CA ALA B 94 -25.79 5.99 11.19
C ALA B 94 -24.39 5.82 10.60
N VAL B 95 -23.60 6.89 10.57
CA VAL B 95 -22.13 6.74 10.43
C VAL B 95 -21.58 6.48 11.84
N TYR B 96 -20.81 5.40 12.01
CA TYR B 96 -20.23 5.04 13.31
C TYR B 96 -18.74 5.38 13.34
N TYR B 97 -18.30 5.91 14.46
CA TYR B 97 -16.93 6.39 14.62
C TYR B 97 -16.34 5.79 15.88
N CYS B 98 -15.05 5.44 15.83
CA CYS B 98 -14.31 5.21 17.03
C CYS B 98 -13.44 6.45 17.33
N ALA B 99 -13.08 6.61 18.59
CA ALA B 99 -12.31 7.77 19.05
C ALA B 99 -11.49 7.46 20.28
N THR B 100 -10.37 8.13 20.48
CA THR B 100 -9.58 7.87 21.68
C THR B 100 -8.98 9.16 22.24
N ARG B 101 -8.42 9.04 23.43
CA ARG B 101 -7.91 10.18 24.18
C ARG B 101 -6.85 9.64 25.15
N ALA B 102 -6.00 10.53 25.69
CA ALA B 102 -4.95 10.13 26.63
C ALA B 102 -5.47 10.14 28.06
N SER B 103 -6.51 9.35 28.28
CA SER B 103 -6.99 9.09 29.63
C SER B 103 -7.64 7.70 29.59
N MET B 104 -7.60 6.98 30.70
CA MET B 104 -8.32 5.73 30.83
C MET B 104 -9.84 5.94 31.00
N ALA B 105 -10.25 7.17 31.26
CA ALA B 105 -11.64 7.44 31.51
C ALA B 105 -12.47 7.62 30.25
N VAL B 106 -13.60 6.93 30.23
CA VAL B 106 -14.53 7.08 29.11
C VAL B 106 -15.50 8.22 29.39
N SER B 107 -15.71 9.07 28.38
CA SER B 107 -16.67 10.16 28.46
C SER B 107 -17.67 10.10 27.32
N THR B 108 -18.90 10.53 27.61
CA THR B 108 -20.02 10.58 26.66
C THR B 108 -19.88 11.79 25.74
N SER B 109 -18.94 12.69 26.05
CA SER B 109 -18.74 13.86 25.22
C SER B 109 -17.76 13.54 24.09
N PRO B 110 -18.19 13.67 22.82
CA PRO B 110 -17.25 13.51 21.71
C PRO B 110 -16.16 14.57 21.71
N ARG B 111 -16.42 15.72 22.33
CA ARG B 111 -15.48 16.81 22.24
C ARG B 111 -14.16 16.58 23.00
N VAL B 112 -14.12 15.64 23.94
CA VAL B 112 -12.92 15.42 24.71
C VAL B 112 -12.05 14.32 24.13
N TYR B 113 -12.36 13.89 22.92
CA TYR B 113 -11.51 12.94 22.21
C TYR B 113 -10.88 13.63 21.02
N PRO B 114 -9.56 13.81 21.06
CA PRO B 114 -8.87 14.46 19.96
C PRO B 114 -8.52 13.57 18.77
N ILE B 115 -8.63 12.25 18.92
CA ILE B 115 -8.27 11.34 17.80
C ILE B 115 -9.50 10.54 17.35
N TRP B 116 -9.83 10.64 16.06
CA TRP B 116 -11.01 10.08 15.43
C TRP B 116 -10.65 9.14 14.31
N GLY B 117 -11.42 8.06 14.22
CA GLY B 117 -11.51 7.20 13.05
C GLY B 117 -12.26 7.90 11.92
N GLN B 118 -12.14 7.39 10.72
CA GLN B 118 -12.74 8.02 9.56
C GLN B 118 -14.26 7.81 9.42
N GLY B 119 -14.84 6.89 10.20
CA GLY B 119 -16.29 6.62 10.20
C GLY B 119 -16.66 5.55 9.20
N THR B 120 -17.73 4.83 9.47
CA THR B 120 -18.33 3.97 8.44
C THR B 120 -19.85 3.94 8.55
N GLN B 121 -20.49 3.94 7.40
CA GLN B 121 -21.92 3.91 7.30
C GLN B 121 -22.43 2.52 7.67
N VAL B 122 -23.35 2.51 8.62
CA VAL B 122 -24.18 1.33 8.83
C VAL B 122 -25.64 1.61 8.53
N THR B 123 -26.23 0.87 7.59
CA THR B 123 -27.65 0.95 7.29
C THR B 123 -28.42 -0.36 7.60
N VAL B 124 -29.48 -0.22 8.38
CA VAL B 124 -30.33 -1.32 8.80
C VAL B 124 -31.65 -1.19 8.10
N SER B 125 -31.92 -2.07 7.16
CA SER B 125 -33.15 -2.02 6.36
C SER B 125 -34.29 -2.65 7.12
N SER B 126 -35.49 -2.12 6.97
CA SER B 126 -36.68 -2.65 7.64
C SER B 126 -37.36 -3.69 6.76
N MET C 1 -0.60 34.37 -27.92
CA MET C 1 -0.54 33.09 -27.12
C MET C 1 -0.09 31.89 -27.97
N ALA C 2 0.95 31.18 -27.52
CA ALA C 2 1.47 30.02 -28.24
C ALA C 2 0.47 28.87 -28.14
N GLN C 3 0.51 27.97 -29.11
CA GLN C 3 -0.35 26.80 -29.07
C GLN C 3 0.22 25.69 -28.20
N VAL C 4 1.53 25.74 -28.06
CA VAL C 4 2.29 24.82 -27.21
C VAL C 4 3.33 25.60 -26.41
N GLN C 5 3.60 25.13 -25.20
CA GLN C 5 4.53 25.73 -24.26
C GLN C 5 5.54 24.63 -23.87
N LEU C 6 6.81 25.00 -23.86
CA LEU C 6 7.89 24.05 -23.51
C LEU C 6 8.53 24.48 -22.23
N GLN C 7 8.57 23.58 -21.29
CA GLN C 7 9.10 23.89 -20.00
C GLN C 7 10.30 22.96 -19.77
N GLN C 8 11.49 23.53 -19.65
CA GLN C 8 12.71 22.75 -19.43
C GLN C 8 13.13 22.57 -17.98
N SER C 9 13.74 21.42 -17.69
CA SER C 9 14.21 21.09 -16.35
C SER C 9 15.53 20.38 -16.45
N GLY C 10 16.24 20.32 -15.33
CA GLY C 10 17.49 19.58 -15.21
C GLY C 10 18.67 20.51 -15.40
N GLY C 11 19.83 19.92 -15.57
CA GLY C 11 21.01 20.72 -15.84
C GLY C 11 21.84 20.88 -14.60
N GLY C 12 22.76 21.83 -14.66
CA GLY C 12 23.64 22.13 -13.56
C GLY C 12 25.12 21.95 -13.89
N LEU C 13 25.90 21.88 -12.82
CA LEU C 13 27.36 21.69 -12.89
C LEU C 13 27.74 20.24 -12.55
N VAL C 14 28.55 19.63 -13.42
CA VAL C 14 29.16 18.30 -13.16
C VAL C 14 30.62 18.35 -13.57
N GLN C 15 31.38 17.37 -13.11
CA GLN C 15 32.75 17.16 -13.54
C GLN C 15 32.80 16.58 -14.97
N ALA C 16 33.91 16.83 -15.67
CA ALA C 16 34.19 16.13 -16.93
C ALA C 16 34.02 14.63 -16.75
N GLY C 17 33.42 14.00 -17.73
CA GLY C 17 33.09 12.61 -17.62
C GLY C 17 31.76 12.37 -16.94
N GLY C 18 31.09 13.43 -16.47
CA GLY C 18 29.86 13.25 -15.72
C GLY C 18 28.63 13.05 -16.61
N SER C 19 27.46 12.98 -15.97
CA SER C 19 26.18 12.74 -16.66
C SER C 19 25.10 13.68 -16.21
N LEU C 20 24.17 14.00 -17.12
CA LEU C 20 23.01 14.81 -16.74
C LEU C 20 21.84 14.39 -17.58
N ARG C 21 20.63 14.46 -17.03
CA ARG C 21 19.44 14.34 -17.86
C ARG C 21 18.64 15.61 -17.93
N LEU C 22 18.39 16.09 -19.14
CA LEU C 22 17.52 17.26 -19.32
C LEU C 22 16.14 16.85 -19.79
N SER C 23 15.11 17.56 -19.31
CA SER C 23 13.70 17.33 -19.65
C SER C 23 13.11 18.55 -20.35
N CYS C 24 12.22 18.28 -21.27
CA CYS C 24 11.49 19.30 -22.00
C CYS C 24 10.03 18.85 -22.06
N ALA C 25 9.21 19.40 -21.15
CA ALA C 25 7.79 19.05 -21.03
C ALA C 25 6.96 19.98 -21.86
N ALA C 26 6.15 19.41 -22.76
CA ALA C 26 5.33 20.21 -23.66
C ALA C 26 3.91 20.26 -23.13
N SER C 27 3.26 21.41 -23.20
CA SER C 27 1.83 21.45 -22.87
C SER C 27 1.06 22.24 -23.93
N GLY C 28 -0.26 22.10 -23.90
CA GLY C 28 -1.15 22.67 -24.91
C GLY C 28 -1.56 21.71 -26.02
N ARG C 29 -1.56 22.19 -27.26
CA ARG C 29 -1.99 21.39 -28.40
C ARG C 29 -0.83 20.56 -28.89
N THR C 30 -0.46 19.54 -28.10
CA THR C 30 0.77 18.83 -28.30
C THR C 30 0.50 17.69 -29.28
N HIS C 31 1.50 17.33 -30.08
CA HIS C 31 1.39 16.21 -31.02
C HIS C 31 2.82 15.62 -31.00
N THR C 32 2.96 14.47 -30.37
CA THR C 32 4.26 13.94 -30.05
C THR C 32 5.11 13.45 -31.26
N PRO C 33 4.49 13.14 -32.43
CA PRO C 33 5.33 12.82 -33.58
C PRO C 33 6.08 14.00 -34.21
N TYR C 34 5.70 15.22 -33.85
CA TYR C 34 6.36 16.40 -34.37
C TYR C 34 7.76 16.43 -33.84
N ALA C 35 8.64 17.05 -34.63
CA ALA C 35 10.06 17.17 -34.30
C ALA C 35 10.31 17.99 -33.05
N MET C 36 11.13 17.44 -32.16
CA MET C 36 11.69 18.20 -31.07
C MET C 36 13.19 18.19 -31.27
N GLY C 37 13.76 19.40 -31.38
CA GLY C 37 15.17 19.62 -31.59
C GLY C 37 15.78 20.18 -30.34
N TRP C 38 17.05 19.87 -30.12
CA TRP C 38 17.85 20.40 -29.03
C TRP C 38 18.94 21.23 -29.65
N PHE C 39 19.13 22.43 -29.14
CA PHE C 39 20.19 23.33 -29.62
C PHE C 39 20.91 23.80 -28.38
N ARG C 40 22.15 24.23 -28.53
CA ARG C 40 22.87 24.83 -27.43
C ARG C 40 23.57 26.10 -27.83
N GLN C 41 23.90 26.89 -26.84
CA GLN C 41 24.59 28.18 -27.11
C GLN C 41 25.39 28.58 -25.93
N ALA C 42 26.70 28.70 -26.11
CA ALA C 42 27.60 29.13 -25.05
C ALA C 42 27.84 30.64 -25.20
N PRO C 43 28.13 31.35 -24.08
CA PRO C 43 28.36 32.78 -24.17
C PRO C 43 29.34 33.12 -25.29
N GLY C 44 29.00 34.13 -26.07
CA GLY C 44 29.84 34.54 -27.15
C GLY C 44 29.91 33.64 -28.37
N LYS C 45 29.07 32.61 -28.46
CA LYS C 45 29.10 31.72 -29.62
C LYS C 45 27.76 31.64 -30.29
N GLU C 46 27.75 31.13 -31.52
CA GLU C 46 26.49 30.92 -32.24
C GLU C 46 25.77 29.69 -31.65
N ARG C 47 24.46 29.65 -31.82
CA ARG C 47 23.63 28.47 -31.56
C ARG C 47 24.04 27.31 -32.46
N GLU C 48 24.01 26.08 -31.95
CA GLU C 48 24.29 24.92 -32.81
C GLU C 48 23.40 23.73 -32.47
N PHE C 49 23.16 22.92 -33.48
CA PHE C 49 22.28 21.77 -33.37
C PHE C 49 22.96 20.74 -32.53
N VAL C 50 22.21 20.16 -31.57
CA VAL C 50 22.69 19.03 -30.74
C VAL C 50 22.09 17.70 -31.26
N GLY C 51 20.78 17.69 -31.50
CA GLY C 51 20.10 16.47 -31.97
C GLY C 51 18.61 16.63 -31.89
N GLY C 52 17.87 15.61 -32.32
CA GLY C 52 16.44 15.74 -32.39
C GLY C 52 15.76 14.41 -32.54
N ILE C 53 14.46 14.46 -32.28
CA ILE C 53 13.57 13.29 -32.33
C ILE C 53 12.27 13.66 -32.99
N GLY C 54 11.75 12.72 -33.79
CA GLY C 54 10.54 12.97 -34.59
C GLY C 54 10.02 11.71 -35.24
N GLY C 55 8.82 11.80 -35.78
CA GLY C 55 8.17 10.68 -36.49
C GLY C 55 7.42 9.76 -35.57
N VAL C 56 6.58 8.90 -36.14
CA VAL C 56 5.82 7.94 -35.34
C VAL C 56 6.76 6.96 -34.65
N ALA C 57 7.82 6.57 -35.34
CA ALA C 57 8.82 5.61 -34.82
C ALA C 57 9.94 6.24 -33.97
N ALA C 58 9.80 7.50 -33.59
CA ALA C 58 10.75 8.20 -32.71
C ALA C 58 12.15 8.11 -33.27
N THR C 59 12.31 8.61 -34.48
CA THR C 59 13.61 8.54 -35.16
C THR C 59 14.50 9.62 -34.57
N THR C 60 15.77 9.31 -34.29
CA THR C 60 16.68 10.33 -33.73
C THR C 60 17.80 10.67 -34.68
N THR C 61 18.34 11.89 -34.52
CA THR C 61 19.47 12.35 -35.29
C THR C 61 20.35 13.18 -34.36
N TYR C 62 21.66 13.24 -34.60
CA TYR C 62 22.58 13.91 -33.68
C TYR C 62 23.64 14.67 -34.43
N ALA C 63 24.19 15.71 -33.83
CA ALA C 63 25.48 16.26 -34.31
C ALA C 63 26.60 15.24 -34.14
N ASP C 64 27.58 15.26 -35.06
CA ASP C 64 28.74 14.33 -34.92
C ASP C 64 29.45 14.40 -33.58
N SER C 65 29.54 15.58 -32.99
CA SER C 65 30.34 15.76 -31.82
C SER C 65 29.77 15.15 -30.55
N VAL C 66 28.47 14.80 -30.58
CA VAL C 66 27.82 14.20 -29.42
C VAL C 66 27.32 12.76 -29.64
N ARG C 67 27.47 12.24 -30.85
CA ARG C 67 27.06 10.85 -31.14
C ARG C 67 27.87 9.88 -30.30
N GLY C 68 27.21 8.84 -29.78
CA GLY C 68 27.79 7.98 -28.78
C GLY C 68 27.89 8.52 -27.36
N ARG C 69 27.49 9.77 -27.12
CA ARG C 69 27.51 10.33 -25.73
C ARG C 69 26.15 10.80 -25.23
N PHE C 70 25.36 11.37 -26.12
CA PHE C 70 24.04 11.93 -25.77
C PHE C 70 22.99 11.06 -26.45
N THR C 71 21.88 10.86 -25.76
CA THR C 71 20.75 10.08 -26.23
C THR C 71 19.46 10.87 -26.02
N ILE C 72 18.63 10.98 -27.04
CA ILE C 72 17.30 11.62 -26.93
C ILE C 72 16.17 10.55 -26.96
N SER C 73 15.19 10.73 -26.11
CA SER C 73 14.03 9.88 -26.04
C SER C 73 12.80 10.70 -25.69
N ARG C 74 11.63 10.11 -25.79
CA ARG C 74 10.41 10.80 -25.41
C ARG C 74 9.43 9.88 -24.70
N ASP C 75 8.60 10.51 -23.87
CA ASP C 75 7.52 9.84 -23.16
C ASP C 75 6.24 10.46 -23.66
N ASP C 76 5.60 9.79 -24.60
CA ASP C 76 4.42 10.31 -25.27
C ASP C 76 3.33 10.76 -24.29
N ALA C 77 2.94 9.92 -23.35
CA ALA C 77 1.87 10.30 -22.40
C ALA C 77 2.21 11.48 -21.48
N LYS C 78 3.49 11.66 -21.17
CA LYS C 78 3.85 12.85 -20.41
C LYS C 78 4.19 13.98 -21.34
N ALA C 79 4.13 13.72 -22.64
CA ALA C 79 4.47 14.70 -23.68
C ALA C 79 5.80 15.38 -23.37
N THR C 80 6.76 14.58 -22.92
CA THR C 80 8.09 15.03 -22.53
C THR C 80 9.23 14.34 -23.33
N VAL C 81 10.23 15.15 -23.68
CA VAL C 81 11.40 14.70 -24.46
C VAL C 81 12.59 14.89 -23.53
N TYR C 82 13.46 13.88 -23.51
CA TYR C 82 14.67 13.92 -22.69
C TYR C 82 15.91 13.90 -23.50
N LEU C 83 16.93 14.62 -23.01
CA LEU C 83 18.27 14.58 -23.55
C LEU C 83 19.20 14.03 -22.46
N GLN C 84 19.60 12.77 -22.64
CA GLN C 84 20.50 12.11 -21.69
C GLN C 84 21.90 12.43 -22.14
N MET C 85 22.66 13.06 -21.26
CA MET C 85 24.09 13.32 -21.52
C MET C 85 25.00 12.45 -20.63
N ASN C 86 25.95 11.75 -21.27
CA ASN C 86 27.03 11.06 -20.62
C ASN C 86 28.39 11.54 -21.14
N SER C 87 29.46 11.08 -20.49
CA SER C 87 30.82 11.43 -20.93
C SER C 87 30.92 12.93 -21.29
N LEU C 88 30.41 13.75 -20.42
CA LEU C 88 30.36 15.18 -20.67
C LEU C 88 31.75 15.79 -20.66
N LYS C 89 31.95 16.81 -21.49
CA LYS C 89 33.24 17.48 -21.68
C LYS C 89 33.08 18.98 -21.47
N PRO C 90 34.19 19.65 -21.11
CA PRO C 90 34.12 21.12 -20.95
C PRO C 90 33.50 21.80 -22.14
N GLU C 91 33.80 21.28 -23.32
CA GLU C 91 33.29 21.77 -24.61
C GLU C 91 31.75 21.79 -24.69
N ASP C 92 31.10 21.03 -23.81
CA ASP C 92 29.65 20.89 -23.85
C ASP C 92 28.96 21.96 -23.01
N THR C 93 29.72 22.77 -22.31
CA THR C 93 29.15 23.87 -21.53
C THR C 93 28.36 24.82 -22.42
N ALA C 94 27.13 25.12 -21.97
CA ALA C 94 26.23 26.00 -22.73
C ALA C 94 24.86 26.01 -22.10
N VAL C 95 24.06 26.98 -22.51
CA VAL C 95 22.62 26.90 -22.25
C VAL C 95 22.07 25.92 -23.30
N TYR C 96 21.29 24.93 -22.88
CA TYR C 96 20.63 23.99 -23.83
C TYR C 96 19.13 24.32 -23.97
N TYR C 97 18.67 24.40 -25.23
CA TYR C 97 17.27 24.75 -25.52
C TYR C 97 16.60 23.58 -26.23
N CYS C 98 15.35 23.26 -25.91
CA CYS C 98 14.52 22.43 -26.81
C CYS C 98 13.61 23.34 -27.62
N ALA C 99 13.21 22.84 -28.78
CA ALA C 99 12.36 23.60 -29.68
C ALA C 99 11.49 22.66 -30.48
N THR C 100 10.39 23.17 -30.98
CA THR C 100 9.52 22.34 -31.76
C THR C 100 8.83 23.12 -32.91
N ARG C 101 8.15 22.37 -33.78
CA ARG C 101 7.57 22.85 -35.02
C ARG C 101 6.49 21.88 -35.49
N ALA C 102 5.66 22.32 -36.43
CA ALA C 102 4.51 21.53 -36.88
C ALA C 102 4.91 20.63 -38.04
N SER C 103 5.90 19.78 -37.82
CA SER C 103 6.40 18.89 -38.85
C SER C 103 7.14 17.73 -38.16
N MET C 104 7.10 16.54 -38.73
CA MET C 104 7.79 15.40 -38.15
C MET C 104 9.27 15.44 -38.40
N ALA C 105 9.69 16.30 -39.32
CA ALA C 105 11.09 16.32 -39.77
C ALA C 105 11.99 17.21 -38.88
N VAL C 106 13.05 16.59 -38.40
CA VAL C 106 14.02 17.23 -37.57
C VAL C 106 14.92 17.99 -38.46
N SER C 107 14.97 19.29 -38.25
CA SER C 107 15.84 20.12 -39.01
C SER C 107 16.95 20.60 -38.10
N THR C 108 18.12 20.77 -38.71
CA THR C 108 19.31 21.27 -38.00
C THR C 108 19.34 22.82 -37.95
N SER C 109 18.39 23.52 -38.58
CA SER C 109 18.36 24.97 -38.53
C SER C 109 17.38 25.44 -37.46
N PRO C 110 17.87 26.23 -36.49
CA PRO C 110 16.99 26.80 -35.45
C PRO C 110 15.85 27.72 -35.97
N ARG C 111 16.06 28.34 -37.12
CA ARG C 111 15.11 29.28 -37.71
C ARG C 111 13.77 28.66 -38.01
N VAL C 112 13.74 27.38 -38.36
CA VAL C 112 12.49 26.74 -38.73
C VAL C 112 11.61 26.28 -37.54
N TYR C 113 12.06 26.46 -36.30
CA TYR C 113 11.28 26.07 -35.14
C TYR C 113 10.72 27.33 -34.50
N PRO C 114 9.41 27.52 -34.55
CA PRO C 114 8.79 28.73 -33.97
C PRO C 114 8.60 28.70 -32.43
N ILE C 115 8.75 27.52 -31.79
CA ILE C 115 8.43 27.37 -30.37
C ILE C 115 9.67 26.90 -29.63
N TRP C 116 9.99 27.57 -28.52
CA TRP C 116 11.25 27.43 -27.80
C TRP C 116 11.06 27.24 -26.31
N GLY C 117 11.91 26.41 -25.72
CA GLY C 117 12.04 26.32 -24.28
C GLY C 117 12.82 27.50 -23.75
N GLN C 118 12.78 27.67 -22.44
CA GLN C 118 13.46 28.79 -21.80
C GLN C 118 15.00 28.61 -21.64
N GLY C 119 15.49 27.40 -21.86
CA GLY C 119 16.92 27.12 -21.70
C GLY C 119 17.27 26.59 -20.31
N THR C 120 18.31 25.74 -20.27
CA THR C 120 18.89 25.30 -19.02
C THR C 120 20.41 25.25 -19.14
N GLN C 121 21.07 25.75 -18.12
CA GLN C 121 22.51 25.85 -18.07
C GLN C 121 23.08 24.49 -17.72
N VAL C 122 24.16 24.16 -18.40
CA VAL C 122 24.91 22.94 -18.15
C VAL C 122 26.36 23.39 -18.07
N THR C 123 27.01 23.18 -16.95
CA THR C 123 28.39 23.51 -16.86
C THR C 123 29.21 22.28 -16.58
N VAL C 124 30.23 22.08 -17.39
CA VAL C 124 31.15 20.99 -17.21
C VAL C 124 32.55 21.54 -16.90
N SER C 125 32.95 21.36 -15.64
CA SER C 125 34.24 21.82 -15.18
C SER C 125 35.41 21.07 -15.86
N SER C 126 36.47 21.83 -16.07
CA SER C 126 37.70 21.31 -16.63
C SER C 126 38.56 20.73 -15.52
N MET D 1 -28.85 -38.38 18.84
CA MET D 1 -28.39 -37.18 18.09
C MET D 1 -28.60 -35.87 18.86
N ALA D 2 -27.51 -35.16 19.13
CA ALA D 2 -27.53 -33.85 19.75
C ALA D 2 -28.29 -32.83 18.89
N GLN D 3 -28.92 -31.87 19.52
CA GLN D 3 -29.72 -30.87 18.79
C GLN D 3 -28.85 -29.74 18.20
N VAL D 4 -27.68 -29.59 18.83
CA VAL D 4 -26.67 -28.60 18.51
C VAL D 4 -25.30 -29.25 18.64
N GLN D 5 -24.38 -28.81 17.76
CA GLN D 5 -22.99 -29.17 17.86
C GLN D 5 -22.16 -27.92 17.93
N LEU D 6 -21.04 -28.05 18.63
CA LEU D 6 -20.13 -26.94 18.88
C LEU D 6 -18.75 -27.16 18.31
N GLN D 7 -18.26 -26.16 17.61
CA GLN D 7 -16.97 -26.26 16.91
C GLN D 7 -16.10 -25.09 17.33
N GLN D 8 -14.97 -25.40 17.95
CA GLN D 8 -14.07 -24.37 18.42
C GLN D 8 -12.95 -24.13 17.42
N SER D 9 -12.43 -22.91 17.43
CA SER D 9 -11.16 -22.59 16.78
C SER D 9 -10.39 -21.52 17.55
N GLY D 10 -9.14 -21.28 17.14
CA GLY D 10 -8.28 -20.28 17.76
C GLY D 10 -7.38 -21.02 18.72
N GLY D 11 -6.78 -20.31 19.66
CA GLY D 11 -5.92 -21.01 20.62
C GLY D 11 -4.51 -20.99 20.08
N GLY D 12 -3.57 -21.58 20.83
CA GLY D 12 -2.18 -21.59 20.45
C GLY D 12 -1.24 -21.25 21.59
N LEU D 13 -0.05 -20.81 21.23
CA LEU D 13 1.05 -20.61 22.16
C LEU D 13 1.42 -19.13 22.16
N VAL D 14 1.52 -18.48 23.33
CA VAL D 14 2.01 -17.09 23.39
C VAL D 14 2.82 -16.83 24.65
N GLN D 15 3.49 -15.68 24.66
CA GLN D 15 4.26 -15.26 25.81
C GLN D 15 3.33 -14.61 26.79
N ALA D 16 3.70 -14.68 28.06
CA ALA D 16 3.00 -13.99 29.13
C ALA D 16 2.81 -12.53 28.74
N GLY D 17 1.62 -12.00 28.99
CA GLY D 17 1.28 -10.67 28.52
C GLY D 17 0.53 -10.61 27.21
N GLY D 18 0.53 -11.71 26.46
CA GLY D 18 -0.05 -11.77 25.11
C GLY D 18 -1.56 -11.92 25.07
N SER D 19 -2.08 -12.10 23.86
CA SER D 19 -3.51 -12.14 23.61
C SER D 19 -3.82 -13.35 22.76
N LEU D 20 -5.01 -13.90 22.91
CA LEU D 20 -5.41 -15.03 22.09
C LEU D 20 -6.90 -14.91 21.96
N ARG D 21 -7.46 -15.39 20.89
CA ARG D 21 -8.89 -15.31 20.77
C ARG D 21 -9.42 -16.68 20.45
N LEU D 22 -10.45 -17.09 21.19
CA LEU D 22 -11.04 -18.38 20.95
C LEU D 22 -12.42 -18.14 20.44
N SER D 23 -12.93 -19.09 19.65
CA SER D 23 -14.22 -18.94 19.04
C SER D 23 -14.93 -20.29 19.21
N CYS D 24 -16.27 -20.26 19.22
CA CYS D 24 -17.15 -21.43 19.45
C CYS D 24 -18.40 -21.23 18.59
N ALA D 25 -18.51 -21.89 17.42
CA ALA D 25 -19.63 -21.71 16.52
C ALA D 25 -20.57 -22.86 16.77
N ALA D 26 -21.84 -22.54 16.84
CA ALA D 26 -22.88 -23.56 17.07
C ALA D 26 -23.60 -23.85 15.77
N SER D 27 -23.90 -25.12 15.56
CA SER D 27 -24.62 -25.60 14.35
C SER D 27 -25.83 -26.42 14.82
N GLY D 28 -26.89 -26.45 14.02
CA GLY D 28 -28.12 -27.19 14.29
C GLY D 28 -29.21 -26.27 14.81
N ARG D 29 -29.93 -26.73 15.83
CA ARG D 29 -31.10 -26.02 16.33
C ARG D 29 -30.66 -25.02 17.36
N THR D 30 -29.98 -23.98 16.92
CA THR D 30 -29.37 -23.09 17.87
C THR D 30 -30.38 -22.12 18.48
N HIS D 31 -30.10 -21.71 19.71
CA HIS D 31 -30.93 -20.72 20.39
C HIS D 31 -29.95 -19.85 21.15
N THR D 32 -29.69 -18.65 20.60
CA THR D 32 -28.55 -17.84 21.09
C THR D 32 -28.77 -17.26 22.54
N PRO D 33 -30.01 -17.18 23.04
CA PRO D 33 -30.14 -16.77 24.48
C PRO D 33 -29.74 -17.85 25.48
N TYR D 34 -29.61 -19.08 25.03
CA TYR D 34 -29.17 -20.14 25.93
C TYR D 34 -27.72 -19.91 26.37
N ALA D 35 -27.45 -20.33 27.61
CA ALA D 35 -26.13 -20.14 28.20
C ALA D 35 -25.04 -20.85 27.41
N MET D 36 -23.93 -20.15 27.17
CA MET D 36 -22.69 -20.73 26.70
C MET D 36 -21.61 -20.48 27.74
N GLY D 37 -21.01 -21.55 28.21
CA GLY D 37 -20.00 -21.52 29.24
C GLY D 37 -18.64 -21.83 28.64
N TRP D 38 -17.61 -21.17 29.15
CA TRP D 38 -16.20 -21.51 28.85
C TRP D 38 -15.64 -22.17 30.12
N PHE D 39 -15.09 -23.35 29.97
CA PHE D 39 -14.37 -24.03 31.06
C PHE D 39 -13.01 -24.41 30.57
N ARG D 40 -12.07 -24.57 31.48
CA ARG D 40 -10.77 -24.99 31.04
C ARG D 40 -10.25 -26.05 31.96
N GLN D 41 -9.41 -26.88 31.40
CA GLN D 41 -8.83 -27.97 32.19
C GLN D 41 -7.33 -27.99 31.99
N ALA D 42 -6.58 -27.69 33.04
CA ALA D 42 -5.10 -27.82 33.02
C ALA D 42 -4.68 -29.25 33.47
N PRO D 43 -3.46 -29.66 33.13
CA PRO D 43 -2.98 -31.03 33.46
C PRO D 43 -3.21 -31.37 34.93
N GLY D 44 -3.86 -32.49 35.16
CA GLY D 44 -4.09 -32.97 36.50
C GLY D 44 -5.14 -32.23 37.34
N LYS D 45 -5.85 -31.26 36.73
CA LYS D 45 -6.86 -30.47 37.43
C LYS D 45 -8.26 -30.77 36.89
N GLU D 46 -9.27 -30.38 37.67
CA GLU D 46 -10.67 -30.45 37.26
C GLU D 46 -11.01 -29.30 36.31
N ARG D 47 -12.08 -29.50 35.55
CA ARG D 47 -12.64 -28.45 34.69
C ARG D 47 -13.03 -27.25 35.56
N GLU D 48 -12.55 -26.06 35.20
CA GLU D 48 -12.72 -24.86 36.04
C GLU D 48 -13.50 -23.91 35.18
N PHE D 49 -14.48 -23.23 35.79
CA PHE D 49 -15.28 -22.24 35.11
C PHE D 49 -14.42 -21.01 34.81
N VAL D 50 -14.46 -20.57 33.55
CA VAL D 50 -13.77 -19.37 33.12
C VAL D 50 -14.74 -18.20 33.04
N GLY D 51 -15.88 -18.42 32.40
CA GLY D 51 -16.89 -17.36 32.25
C GLY D 51 -18.01 -17.84 31.36
N GLY D 52 -19.06 -17.04 31.18
CA GLY D 52 -20.16 -17.48 30.36
C GLY D 52 -21.06 -16.32 29.99
N ILE D 53 -21.93 -16.60 29.02
CA ILE D 53 -22.84 -15.63 28.42
C ILE D 53 -24.20 -16.28 28.21
N GLY D 54 -25.23 -15.56 28.60
CA GLY D 54 -26.60 -16.02 28.42
C GLY D 54 -27.61 -14.93 28.48
N GLY D 55 -28.83 -15.30 28.14
CA GLY D 55 -29.94 -14.38 28.20
C GLY D 55 -30.10 -13.54 26.94
N VAL D 56 -31.29 -12.97 26.80
CA VAL D 56 -31.66 -12.14 25.66
C VAL D 56 -30.67 -10.99 25.62
N ALA D 57 -30.31 -10.49 26.77
CA ALA D 57 -29.45 -9.33 26.88
C ALA D 57 -27.97 -9.68 26.91
N ALA D 58 -27.63 -10.95 26.69
CA ALA D 58 -26.25 -11.39 26.60
C ALA D 58 -25.47 -10.99 27.84
N THR D 59 -25.99 -11.33 29.01
CA THR D 59 -25.30 -11.08 30.27
C THR D 59 -24.09 -11.98 30.44
N THR D 60 -22.99 -11.47 30.98
CA THR D 60 -21.79 -12.26 31.14
C THR D 60 -21.37 -12.38 32.58
N THR D 61 -20.67 -13.48 32.88
CA THR D 61 -20.09 -13.65 34.19
C THR D 61 -18.74 -14.33 34.04
N TYR D 62 -17.87 -14.04 35.02
CA TYR D 62 -16.47 -14.44 34.99
C TYR D 62 -15.97 -15.01 36.31
N ALA D 63 -15.00 -15.91 36.22
CA ALA D 63 -14.15 -16.23 37.35
C ALA D 63 -13.34 -15.01 37.80
N ASP D 64 -13.17 -14.86 39.10
CA ASP D 64 -12.46 -13.73 39.68
C ASP D 64 -11.09 -13.57 39.07
N SER D 65 -10.42 -14.69 38.82
CA SER D 65 -9.03 -14.65 38.38
C SER D 65 -8.81 -14.25 36.89
N VAL D 66 -9.89 -14.13 36.12
CA VAL D 66 -9.80 -13.68 34.75
C VAL D 66 -10.55 -12.38 34.49
N ARG D 67 -11.28 -11.90 35.47
CA ARG D 67 -12.09 -10.72 35.33
C ARG D 67 -11.13 -9.56 35.06
N GLY D 68 -11.49 -8.69 34.12
CA GLY D 68 -10.63 -7.60 33.67
C GLY D 68 -9.60 -7.96 32.63
N ARG D 69 -9.39 -9.26 32.38
CA ARG D 69 -8.44 -9.71 31.38
C ARG D 69 -9.12 -10.45 30.24
N PHE D 70 -10.13 -11.28 30.52
CA PHE D 70 -10.88 -12.00 29.51
C PHE D 70 -12.25 -11.32 29.25
N THR D 71 -12.72 -11.39 28.02
CA THR D 71 -14.02 -10.81 27.60
C THR D 71 -14.77 -11.77 26.71
N ILE D 72 -15.98 -12.08 27.09
CA ILE D 72 -16.82 -12.96 26.29
C ILE D 72 -17.87 -12.16 25.56
N SER D 73 -18.09 -12.45 24.27
CA SER D 73 -19.19 -11.85 23.49
C SER D 73 -19.80 -12.91 22.53
N ARG D 74 -20.86 -12.49 21.86
CA ARG D 74 -21.70 -13.35 21.03
C ARG D 74 -21.96 -12.65 19.70
N ASP D 75 -21.86 -13.38 18.58
CA ASP D 75 -22.45 -12.88 17.32
C ASP D 75 -23.64 -13.77 17.00
N ASP D 76 -24.85 -13.20 17.17
CA ASP D 76 -26.09 -13.96 17.04
C ASP D 76 -26.25 -14.56 15.62
N ALA D 77 -26.02 -13.76 14.59
CA ALA D 77 -26.22 -14.25 13.22
C ALA D 77 -25.24 -15.34 12.83
N LYS D 78 -24.05 -15.30 13.41
CA LYS D 78 -23.05 -16.37 13.22
C LYS D 78 -23.14 -17.46 14.24
N ALA D 79 -24.14 -17.40 15.12
CA ALA D 79 -24.28 -18.32 16.25
C ALA D 79 -22.96 -18.68 16.86
N THR D 80 -22.13 -17.66 17.05
CA THR D 80 -20.77 -17.82 17.51
C THR D 80 -20.52 -17.08 18.83
N VAL D 81 -19.83 -17.72 19.76
CA VAL D 81 -19.44 -17.11 21.01
C VAL D 81 -17.92 -16.96 21.03
N TYR D 82 -17.44 -15.77 21.39
CA TYR D 82 -16.04 -15.42 21.45
C TYR D 82 -15.51 -15.39 22.85
N LEU D 83 -14.27 -15.85 23.02
CA LEU D 83 -13.55 -15.58 24.26
C LEU D 83 -12.21 -14.90 23.89
N GLN D 84 -12.17 -13.60 24.10
CA GLN D 84 -10.97 -12.82 23.93
C GLN D 84 -10.12 -12.85 25.22
N MET D 85 -8.89 -13.30 25.12
CA MET D 85 -8.04 -13.36 26.27
C MET D 85 -6.95 -12.34 26.02
N ASN D 86 -6.79 -11.42 26.95
CA ASN D 86 -5.63 -10.51 27.02
C ASN D 86 -4.89 -10.65 28.35
N SER D 87 -3.71 -10.04 28.42
CA SER D 87 -2.80 -10.17 29.55
C SER D 87 -2.65 -11.61 30.01
N LEU D 88 -2.39 -12.55 29.10
CA LEU D 88 -2.35 -13.97 29.46
C LEU D 88 -1.19 -14.30 30.41
N LYS D 89 -1.46 -15.22 31.32
CA LYS D 89 -0.50 -15.61 32.38
C LYS D 89 -0.22 -17.11 32.28
N PRO D 90 0.95 -17.57 32.74
CA PRO D 90 1.23 -19.00 32.64
C PRO D 90 0.17 -19.86 33.30
N GLU D 91 -0.42 -19.37 34.39
CA GLU D 91 -1.55 -20.08 35.07
C GLU D 91 -2.79 -20.27 34.16
N ASP D 92 -2.82 -19.58 33.02
CA ASP D 92 -3.91 -19.75 32.06
C ASP D 92 -3.79 -20.94 31.09
N THR D 93 -2.66 -21.63 31.14
CA THR D 93 -2.42 -22.73 30.24
C THR D 93 -3.47 -23.82 30.55
N ALA D 94 -4.10 -24.32 29.51
CA ALA D 94 -5.13 -25.31 29.68
C ALA D 94 -5.74 -25.65 28.38
N VAL D 95 -6.50 -26.74 28.34
CA VAL D 95 -7.39 -27.00 27.21
C VAL D 95 -8.70 -26.31 27.57
N TYR D 96 -9.17 -25.42 26.71
CA TYR D 96 -10.40 -24.61 26.94
C TYR D 96 -11.50 -25.24 26.10
N TYR D 97 -12.69 -25.29 26.67
CA TYR D 97 -13.91 -25.91 26.05
C TYR D 97 -15.05 -24.92 26.14
N CYS D 98 -15.90 -24.86 25.13
CA CYS D 98 -17.16 -24.12 25.26
C CYS D 98 -18.24 -25.19 25.49
N ALA D 99 -19.34 -24.84 26.14
CA ALA D 99 -20.40 -25.79 26.40
C ALA D 99 -21.73 -25.07 26.46
N THR D 100 -22.83 -25.76 26.14
CA THR D 100 -24.16 -25.14 26.22
C THR D 100 -25.20 -26.11 26.78
N ARG D 101 -26.34 -25.55 27.14
CA ARG D 101 -27.42 -26.26 27.83
C ARG D 101 -28.72 -25.55 27.46
N ALA D 102 -29.87 -26.21 27.67
CA ALA D 102 -31.17 -25.63 27.29
C ALA D 102 -31.74 -24.75 28.43
N SER D 103 -30.98 -23.73 28.80
CA SER D 103 -31.40 -22.77 29.82
C SER D 103 -30.63 -21.48 29.57
N MET D 104 -31.19 -20.35 29.96
CA MET D 104 -30.50 -19.08 29.84
C MET D 104 -29.53 -18.87 31.03
N ALA D 105 -29.60 -19.74 32.03
CA ALA D 105 -28.81 -19.54 33.24
C ALA D 105 -27.38 -20.10 33.06
N VAL D 106 -26.41 -19.23 33.27
CA VAL D 106 -25.01 -19.62 33.26
C VAL D 106 -24.63 -20.30 34.58
N SER D 107 -24.51 -21.62 34.56
CA SER D 107 -24.03 -22.35 35.73
C SER D 107 -22.52 -22.44 35.72
N THR D 108 -21.92 -22.31 36.89
CA THR D 108 -20.50 -22.52 37.00
C THR D 108 -20.17 -23.98 37.10
N SER D 109 -21.15 -24.87 37.11
CA SER D 109 -20.85 -26.29 37.17
C SER D 109 -20.84 -26.89 35.78
N PRO D 110 -19.72 -27.55 35.38
CA PRO D 110 -19.68 -28.24 34.07
C PRO D 110 -20.67 -29.39 33.91
N ARG D 111 -21.09 -30.03 34.99
CA ARG D 111 -21.91 -31.25 34.87
C ARG D 111 -23.32 -30.95 34.36
N VAL D 112 -23.80 -29.71 34.47
CA VAL D 112 -25.14 -29.33 33.96
C VAL D 112 -25.17 -28.93 32.49
N TYR D 113 -24.07 -29.09 31.78
CA TYR D 113 -24.03 -28.77 30.37
C TYR D 113 -23.86 -30.07 29.61
N PRO D 114 -24.87 -30.45 28.82
CA PRO D 114 -24.77 -31.69 28.05
C PRO D 114 -24.07 -31.58 26.69
N ILE D 115 -23.84 -30.36 26.20
CA ILE D 115 -23.21 -30.22 24.89
C ILE D 115 -21.83 -29.55 25.03
N TRP D 116 -20.79 -30.22 24.50
CA TRP D 116 -19.42 -29.78 24.62
C TRP D 116 -18.76 -29.52 23.28
N GLY D 117 -17.96 -28.46 23.20
CA GLY D 117 -17.02 -28.34 22.08
C GLY D 117 -15.86 -29.28 22.28
N GLN D 118 -14.99 -29.38 21.28
CA GLN D 118 -13.97 -30.39 21.24
C GLN D 118 -12.72 -29.97 22.01
N GLY D 119 -12.68 -28.72 22.43
CA GLY D 119 -11.51 -28.24 23.19
C GLY D 119 -10.41 -27.66 22.31
N THR D 120 -9.78 -26.61 22.82
CA THR D 120 -8.67 -25.94 22.20
C THR D 120 -7.52 -25.73 23.20
N GLN D 121 -6.29 -26.11 22.82
CA GLN D 121 -5.08 -25.92 23.68
C GLN D 121 -4.66 -24.45 23.70
N VAL D 122 -4.44 -23.91 24.90
CA VAL D 122 -3.90 -22.59 25.09
C VAL D 122 -2.66 -22.76 25.96
N THR D 123 -1.51 -22.29 25.48
CA THR D 123 -0.26 -22.37 26.23
C THR D 123 0.36 -20.98 26.35
N VAL D 124 0.73 -20.64 27.57
CA VAL D 124 1.32 -19.37 27.88
C VAL D 124 2.67 -19.64 28.52
N SER D 125 3.73 -19.20 27.87
CA SER D 125 5.08 -19.55 28.29
C SER D 125 5.60 -18.42 29.14
N SER D 126 6.35 -18.77 30.18
CA SER D 126 6.88 -17.77 31.11
C SER D 126 7.90 -16.92 30.38
N ALA E 2 -14.22 -1.99 1.02
CA ALA E 2 -15.44 -2.84 0.88
C ALA E 2 -15.31 -4.14 1.70
N GLN E 3 -16.33 -4.42 2.53
CA GLN E 3 -16.32 -5.49 3.53
C GLN E 3 -17.66 -6.26 3.40
N VAL E 4 -17.61 -7.58 3.51
CA VAL E 4 -18.86 -8.30 3.61
C VAL E 4 -18.65 -9.38 4.61
N GLN E 5 -19.67 -9.67 5.40
CA GLN E 5 -19.61 -10.78 6.33
C GLN E 5 -20.57 -11.84 5.81
N LEU E 6 -20.22 -13.08 6.13
CA LEU E 6 -20.94 -14.22 5.65
C LEU E 6 -21.42 -14.91 6.88
N GLN E 7 -22.71 -15.15 6.93
CA GLN E 7 -23.35 -15.71 8.12
C GLN E 7 -24.07 -16.97 7.75
N GLN E 8 -23.55 -18.08 8.26
CA GLN E 8 -24.02 -19.42 7.90
C GLN E 8 -25.02 -19.94 8.91
N SER E 9 -25.93 -20.74 8.38
CA SER E 9 -27.01 -21.35 9.13
C SER E 9 -27.21 -22.76 8.66
N GLY E 10 -27.77 -23.59 9.55
CA GLY E 10 -28.10 -25.00 9.27
C GLY E 10 -27.16 -25.97 9.94
N GLY E 11 -27.25 -27.25 9.58
CA GLY E 11 -26.27 -28.23 9.99
C GLY E 11 -26.68 -29.08 11.13
N GLY E 12 -25.71 -29.73 11.74
CA GLY E 12 -25.95 -30.66 12.83
C GLY E 12 -25.88 -32.10 12.37
N LEU E 13 -26.50 -32.98 13.15
CA LEU E 13 -26.44 -34.38 12.87
C LEU E 13 -27.52 -34.79 11.93
N VAL E 14 -27.21 -35.76 11.08
CA VAL E 14 -28.20 -36.38 10.22
C VAL E 14 -27.80 -37.81 10.04
N GLN E 15 -28.81 -38.65 9.84
CA GLN E 15 -28.62 -40.01 9.42
C GLN E 15 -28.17 -40.07 7.96
N ALA E 16 -27.31 -41.04 7.69
CA ALA E 16 -26.95 -41.48 6.32
C ALA E 16 -28.17 -41.61 5.44
N GLY E 17 -28.13 -41.01 4.25
CA GLY E 17 -29.27 -41.07 3.34
C GLY E 17 -30.17 -39.86 3.49
N GLY E 18 -30.02 -39.10 4.57
CA GLY E 18 -30.86 -37.94 4.78
C GLY E 18 -30.40 -36.71 4.00
N SER E 19 -31.04 -35.59 4.31
CA SER E 19 -30.80 -34.31 3.65
C SER E 19 -30.67 -33.18 4.67
N LEU E 20 -30.03 -32.08 4.24
CA LEU E 20 -29.84 -30.89 5.04
C LEU E 20 -29.74 -29.70 4.09
N ARG E 21 -30.21 -28.55 4.50
CA ARG E 21 -30.02 -27.33 3.68
C ARG E 21 -29.15 -26.37 4.50
N LEU E 22 -28.02 -25.98 3.95
CA LEU E 22 -27.23 -24.91 4.54
C LEU E 22 -27.51 -23.55 3.87
N SER E 23 -27.47 -22.50 4.67
CA SER E 23 -27.56 -21.11 4.22
C SER E 23 -26.31 -20.31 4.47
N CYS E 24 -26.13 -19.31 3.65
CA CYS E 24 -24.99 -18.44 3.76
C CYS E 24 -25.47 -17.04 3.38
N ALA E 25 -25.77 -16.21 4.39
CA ALA E 25 -26.26 -14.85 4.16
C ALA E 25 -25.10 -13.85 4.21
N ALA E 26 -25.08 -12.96 3.22
CA ALA E 26 -24.05 -11.93 3.07
C ALA E 26 -24.69 -10.58 3.42
N SER E 27 -23.99 -9.82 4.26
CA SER E 27 -24.35 -8.45 4.53
C SER E 27 -23.11 -7.57 4.77
N GLY E 28 -23.28 -6.29 4.48
CA GLY E 28 -22.17 -5.35 4.35
C GLY E 28 -22.43 -4.82 2.98
N ARG E 29 -21.46 -4.87 2.08
CA ARG E 29 -21.76 -4.46 0.69
C ARG E 29 -21.69 -5.66 -0.21
N THR E 30 -22.87 -6.20 -0.45
CA THR E 30 -23.09 -7.40 -1.24
C THR E 30 -23.21 -7.08 -2.73
N HIS E 31 -22.86 -8.06 -3.56
CA HIS E 31 -23.02 -8.02 -5.01
C HIS E 31 -23.19 -9.48 -5.47
N THR E 32 -24.43 -9.87 -5.79
CA THR E 32 -24.79 -11.29 -5.92
C THR E 32 -24.26 -12.01 -7.16
N PRO E 33 -23.89 -11.28 -8.22
CA PRO E 33 -23.12 -11.98 -9.28
C PRO E 33 -21.73 -12.48 -8.89
N TYR E 34 -21.12 -11.99 -7.81
CA TYR E 34 -19.81 -12.47 -7.48
C TYR E 34 -19.89 -13.97 -7.07
N ALA E 35 -18.77 -14.63 -7.16
CA ALA E 35 -18.67 -16.06 -6.78
C ALA E 35 -18.89 -16.32 -5.30
N MET E 36 -19.78 -17.25 -4.99
CA MET E 36 -19.84 -17.86 -3.69
C MET E 36 -19.36 -19.28 -3.90
N GLY E 37 -18.34 -19.67 -3.13
CA GLY E 37 -17.80 -21.03 -3.15
C GLY E 37 -18.14 -21.70 -1.85
N TRP E 38 -18.39 -23.00 -1.94
CA TRP E 38 -18.57 -23.86 -0.80
C TRP E 38 -17.36 -24.74 -0.72
N PHE E 39 -16.76 -24.77 0.48
CA PHE E 39 -15.67 -25.71 0.78
C PHE E 39 -15.97 -26.57 1.97
N ARG E 40 -15.24 -27.67 2.15
CA ARG E 40 -15.45 -28.51 3.30
C ARG E 40 -14.15 -29.04 3.84
N GLN E 41 -14.12 -29.21 5.15
CA GLN E 41 -12.93 -29.72 5.84
C GLN E 41 -13.22 -30.74 6.94
N ALA E 42 -12.79 -31.97 6.71
CA ALA E 42 -12.93 -33.03 7.70
C ALA E 42 -11.73 -32.93 8.65
N PRO E 43 -11.92 -33.39 9.90
CA PRO E 43 -10.84 -33.09 10.81
C PRO E 43 -9.57 -33.72 10.27
N GLY E 44 -8.48 -32.96 10.39
CA GLY E 44 -7.17 -33.40 9.93
C GLY E 44 -6.85 -33.37 8.44
N LYS E 45 -7.74 -32.87 7.58
CA LYS E 45 -7.48 -32.80 6.12
C LYS E 45 -7.60 -31.35 5.66
N GLU E 46 -7.41 -31.08 4.36
CA GLU E 46 -7.46 -29.68 3.88
C GLU E 46 -8.86 -29.31 3.40
N ARG E 47 -9.11 -28.00 3.28
CA ARG E 47 -10.33 -27.43 2.74
C ARG E 47 -10.42 -27.87 1.29
N GLU E 48 -11.50 -28.58 0.95
CA GLU E 48 -11.72 -29.07 -0.40
C GLU E 48 -12.92 -28.40 -1.03
N PHE E 49 -12.80 -28.10 -2.32
CA PHE E 49 -13.90 -27.52 -3.09
C PHE E 49 -15.11 -28.46 -3.20
N VAL E 50 -16.32 -27.91 -2.96
CA VAL E 50 -17.57 -28.62 -3.05
C VAL E 50 -18.34 -28.20 -4.30
N GLY E 51 -18.48 -26.91 -4.49
CA GLY E 51 -19.26 -26.34 -5.53
C GLY E 51 -19.29 -24.84 -5.45
N GLY E 52 -19.79 -24.21 -6.48
CA GLY E 52 -19.78 -22.77 -6.58
C GLY E 52 -20.90 -22.23 -7.40
N ILE E 53 -21.21 -20.97 -7.19
CA ILE E 53 -22.20 -20.27 -7.98
C ILE E 53 -21.73 -18.83 -8.20
N GLY E 54 -21.93 -18.35 -9.42
CA GLY E 54 -21.58 -17.01 -9.82
C GLY E 54 -22.22 -16.59 -11.12
N GLY E 55 -21.95 -15.33 -11.47
CA GLY E 55 -22.42 -14.75 -12.70
C GLY E 55 -23.83 -14.22 -12.67
N VAL E 56 -24.18 -13.45 -13.70
CA VAL E 56 -25.52 -12.87 -13.81
C VAL E 56 -26.56 -13.94 -13.94
N ALA E 57 -26.24 -15.03 -14.62
CA ALA E 57 -27.17 -16.11 -14.83
C ALA E 57 -27.09 -17.22 -13.77
N ALA E 58 -26.36 -17.04 -12.67
CA ALA E 58 -26.28 -18.06 -11.58
C ALA E 58 -25.79 -19.43 -12.09
N THR E 59 -24.72 -19.41 -12.84
CA THR E 59 -24.06 -20.64 -13.27
C THR E 59 -23.43 -21.36 -12.07
N THR E 60 -23.64 -22.66 -11.98
CA THR E 60 -23.11 -23.46 -10.84
C THR E 60 -22.13 -24.48 -11.36
N THR E 61 -21.17 -24.81 -10.49
CA THR E 61 -20.16 -25.80 -10.76
C THR E 61 -20.01 -26.69 -9.51
N TYR E 62 -19.74 -27.97 -9.74
CA TYR E 62 -19.70 -28.98 -8.68
C TYR E 62 -18.45 -29.86 -8.74
N ALA E 63 -17.93 -30.23 -7.57
CA ALA E 63 -16.92 -31.30 -7.48
C ALA E 63 -17.55 -32.64 -7.86
N ASP E 64 -16.74 -33.53 -8.45
CA ASP E 64 -17.19 -34.88 -8.78
C ASP E 64 -17.81 -35.64 -7.63
N SER E 65 -17.25 -35.54 -6.43
CA SER E 65 -17.77 -36.28 -5.25
C SER E 65 -19.19 -35.90 -4.81
N VAL E 66 -19.71 -34.73 -5.27
CA VAL E 66 -21.02 -34.30 -4.78
C VAL E 66 -22.06 -34.06 -5.87
N ARG E 67 -21.67 -34.19 -7.14
CA ARG E 67 -22.54 -33.93 -8.24
C ARG E 67 -23.76 -34.79 -8.16
N GLY E 68 -24.91 -34.19 -8.41
CA GLY E 68 -26.13 -34.97 -8.34
C GLY E 68 -26.75 -34.76 -6.99
N ARG E 69 -26.03 -35.16 -5.97
CA ARG E 69 -26.49 -35.13 -4.59
C ARG E 69 -26.63 -33.75 -3.90
N PHE E 70 -25.75 -32.80 -4.23
CA PHE E 70 -25.76 -31.48 -3.58
C PHE E 70 -26.10 -30.47 -4.68
N THR E 71 -26.93 -29.49 -4.36
CA THR E 71 -27.26 -28.41 -5.30
C THR E 71 -27.11 -27.02 -4.68
N ILE E 72 -26.63 -26.07 -5.47
CA ILE E 72 -26.46 -24.72 -5.03
C ILE E 72 -27.42 -23.82 -5.77
N SER E 73 -27.96 -22.86 -5.04
CA SER E 73 -28.88 -21.89 -5.61
C SER E 73 -28.67 -20.62 -4.80
N ARG E 74 -29.26 -19.52 -5.26
CA ARG E 74 -29.25 -18.32 -4.49
C ARG E 74 -30.57 -17.53 -4.62
N ASP E 75 -30.82 -16.75 -3.59
CA ASP E 75 -31.92 -15.80 -3.57
C ASP E 75 -31.31 -14.38 -3.58
N ASP E 76 -31.46 -13.67 -4.70
CA ASP E 76 -30.86 -12.33 -4.93
C ASP E 76 -31.34 -11.29 -3.93
N ALA E 77 -32.65 -11.06 -3.87
CA ALA E 77 -33.24 -10.11 -2.87
C ALA E 77 -32.79 -10.33 -1.42
N LYS E 78 -32.55 -11.58 -1.03
CA LYS E 78 -32.05 -11.86 0.33
C LYS E 78 -30.55 -12.04 0.43
N ALA E 79 -29.84 -11.94 -0.70
CA ALA E 79 -28.38 -12.00 -0.66
C ALA E 79 -27.89 -13.23 0.06
N THR E 80 -28.54 -14.35 -0.21
CA THR E 80 -28.25 -15.57 0.50
C THR E 80 -28.02 -16.68 -0.51
N VAL E 81 -27.08 -17.57 -0.17
CA VAL E 81 -26.78 -18.70 -1.00
C VAL E 81 -27.06 -19.96 -0.22
N TYR E 82 -27.66 -20.93 -0.91
CA TYR E 82 -27.99 -22.21 -0.29
C TYR E 82 -27.14 -23.34 -0.83
N LEU E 83 -26.86 -24.31 0.03
CA LEU E 83 -26.25 -25.54 -0.37
C LEU E 83 -27.23 -26.60 0.13
N GLN E 84 -28.05 -27.13 -0.77
CA GLN E 84 -28.93 -28.25 -0.50
C GLN E 84 -28.21 -29.58 -0.61
N MET E 85 -28.27 -30.41 0.44
CA MET E 85 -27.55 -31.67 0.43
C MET E 85 -28.54 -32.84 0.49
N ASN E 86 -28.47 -33.72 -0.48
CA ASN E 86 -29.24 -34.98 -0.42
C ASN E 86 -28.38 -36.19 -0.37
N SER E 87 -28.96 -37.37 -0.09
CA SER E 87 -28.21 -38.66 -0.01
C SER E 87 -26.91 -38.56 0.77
N LEU E 88 -26.97 -38.05 1.99
CA LEU E 88 -25.71 -37.72 2.65
C LEU E 88 -25.06 -39.02 3.05
N LYS E 89 -23.73 -39.03 3.11
CA LYS E 89 -23.05 -40.20 3.60
C LYS E 89 -21.97 -39.84 4.62
N PRO E 90 -21.57 -40.82 5.43
CA PRO E 90 -20.61 -40.54 6.50
C PRO E 90 -19.39 -39.75 6.03
N GLU E 91 -18.97 -40.06 4.82
CA GLU E 91 -17.86 -39.40 4.15
C GLU E 91 -18.09 -37.90 3.90
N ASP E 92 -19.33 -37.46 3.95
CA ASP E 92 -19.62 -36.04 3.81
C ASP E 92 -19.40 -35.25 5.11
N THR E 93 -19.13 -35.95 6.20
CA THR E 93 -18.98 -35.28 7.49
C THR E 93 -17.82 -34.30 7.43
N ALA E 94 -18.08 -33.07 7.86
CA ALA E 94 -17.06 -32.03 7.80
C ALA E 94 -17.57 -30.73 8.38
N VAL E 95 -16.70 -29.73 8.47
CA VAL E 95 -17.17 -28.38 8.64
C VAL E 95 -17.28 -27.80 7.24
N TYR E 96 -18.43 -27.23 6.87
CA TYR E 96 -18.68 -26.64 5.55
C TYR E 96 -18.62 -25.14 5.63
N TYR E 97 -17.90 -24.53 4.70
CA TYR E 97 -17.75 -23.07 4.68
C TYR E 97 -18.22 -22.52 3.39
N CYS E 98 -18.89 -21.37 3.43
CA CYS E 98 -19.02 -20.53 2.23
C CYS E 98 -17.95 -19.43 2.23
N ALA E 99 -17.63 -18.96 1.03
CA ALA E 99 -16.58 -17.95 0.86
C ALA E 99 -16.90 -17.17 -0.37
N THR E 100 -16.43 -15.93 -0.46
CA THR E 100 -16.66 -15.09 -1.60
C THR E 100 -15.40 -14.21 -1.84
N ARG E 101 -15.41 -13.47 -2.91
CA ARG E 101 -14.22 -12.80 -3.45
C ARG E 101 -14.86 -11.80 -4.44
N ALA E 102 -14.16 -10.73 -4.77
CA ALA E 102 -14.63 -9.73 -5.73
C ALA E 102 -14.38 -10.14 -7.20
N SER E 103 -14.96 -11.26 -7.63
CA SER E 103 -14.90 -11.69 -9.04
C SER E 103 -16.12 -12.61 -9.26
N MET E 104 -16.60 -12.70 -10.49
CA MET E 104 -17.69 -13.62 -10.77
C MET E 104 -17.18 -15.07 -10.85
N ALA E 105 -15.87 -15.23 -10.99
CA ALA E 105 -15.25 -16.53 -11.34
C ALA E 105 -15.26 -17.46 -10.15
N VAL E 106 -15.70 -18.71 -10.34
CA VAL E 106 -15.55 -19.69 -9.25
C VAL E 106 -14.18 -20.36 -9.35
N SER E 107 -13.42 -20.35 -8.26
CA SER E 107 -12.16 -21.09 -8.23
C SER E 107 -12.20 -22.23 -7.22
N THR E 108 -11.51 -23.31 -7.53
CA THR E 108 -11.42 -24.44 -6.59
C THR E 108 -10.43 -24.21 -5.45
N SER E 109 -9.69 -23.12 -5.48
CA SER E 109 -8.63 -22.87 -4.48
C SER E 109 -9.21 -22.00 -3.36
N PRO E 110 -9.19 -22.51 -2.11
CA PRO E 110 -9.73 -21.70 -1.00
C PRO E 110 -8.89 -20.45 -0.71
N ARG E 111 -7.67 -20.40 -1.23
CA ARG E 111 -6.75 -19.31 -0.95
C ARG E 111 -7.14 -18.03 -1.65
N VAL E 112 -7.83 -18.10 -2.78
CA VAL E 112 -8.23 -16.86 -3.47
C VAL E 112 -9.55 -16.28 -2.98
N TYR E 113 -10.09 -16.81 -1.88
CA TYR E 113 -11.31 -16.21 -1.32
C TYR E 113 -10.91 -15.51 -0.03
N PRO E 114 -10.95 -14.21 -0.02
CA PRO E 114 -10.50 -13.54 1.21
C PRO E 114 -11.58 -13.47 2.32
N ILE E 115 -12.86 -13.67 1.97
CA ILE E 115 -14.04 -13.57 2.86
C ILE E 115 -14.70 -14.95 3.11
N TRP E 116 -14.86 -15.35 4.38
CA TRP E 116 -15.23 -16.70 4.84
C TRP E 116 -16.39 -16.64 5.84
N GLY E 117 -17.35 -17.53 5.68
CA GLY E 117 -18.35 -17.78 6.70
C GLY E 117 -17.74 -18.45 7.90
N GLN E 118 -18.48 -18.52 8.98
CA GLN E 118 -17.96 -19.05 10.22
C GLN E 118 -17.84 -20.58 10.18
N GLY E 119 -18.53 -21.23 9.25
CA GLY E 119 -18.47 -22.67 9.16
C GLY E 119 -19.67 -23.30 9.82
N THR E 120 -20.15 -24.39 9.25
CA THR E 120 -21.29 -25.12 9.75
C THR E 120 -20.92 -26.60 9.77
N GLN E 121 -21.09 -27.23 10.93
CA GLN E 121 -20.77 -28.65 11.06
C GLN E 121 -21.89 -29.46 10.44
N VAL E 122 -21.52 -30.50 9.72
CA VAL E 122 -22.46 -31.47 9.22
C VAL E 122 -21.90 -32.82 9.63
N THR E 123 -22.63 -33.57 10.42
CA THR E 123 -22.15 -34.82 10.95
C THR E 123 -23.13 -35.92 10.56
N VAL E 124 -22.69 -36.79 9.65
CA VAL E 124 -23.55 -37.83 9.11
C VAL E 124 -23.24 -39.15 9.80
N SER E 125 -24.24 -39.69 10.49
CA SER E 125 -24.05 -40.89 11.28
C SER E 125 -24.11 -42.09 10.40
N SER E 126 -23.24 -43.06 10.65
CA SER E 126 -23.28 -44.35 9.95
C SER E 126 -24.47 -45.20 10.39
N ALA F 2 28.79 8.35 -0.69
CA ALA F 2 28.63 7.04 -1.40
C ALA F 2 27.15 6.66 -1.61
N GLN F 3 26.31 6.92 -0.60
CA GLN F 3 24.93 6.35 -0.54
C GLN F 3 23.84 7.13 -1.30
N VAL F 4 23.92 8.45 -1.30
CA VAL F 4 23.01 9.30 -2.06
C VAL F 4 23.81 10.40 -2.74
N GLN F 5 23.38 10.81 -3.91
CA GLN F 5 24.01 11.94 -4.59
C GLN F 5 22.94 12.94 -4.83
N LEU F 6 23.30 14.21 -4.78
CA LEU F 6 22.36 15.23 -5.12
C LEU F 6 22.95 15.99 -6.26
N GLN F 7 22.11 16.25 -7.25
CA GLN F 7 22.48 17.16 -8.34
C GLN F 7 21.58 18.41 -8.33
N GLN F 8 22.21 19.56 -8.19
CA GLN F 8 21.53 20.84 -8.29
C GLN F 8 21.38 21.42 -9.69
N SER F 9 20.27 22.12 -9.90
CA SER F 9 19.95 22.76 -11.17
C SER F 9 19.61 24.22 -10.97
N GLY F 10 19.97 25.03 -11.95
CA GLY F 10 19.20 26.21 -12.33
C GLY F 10 19.52 27.48 -11.61
N GLY F 11 20.78 27.86 -11.61
CA GLY F 11 21.18 29.13 -10.99
C GLY F 11 20.85 30.30 -11.89
N GLY F 12 21.58 31.40 -11.76
CA GLY F 12 21.63 32.37 -12.84
C GLY F 12 21.43 33.77 -12.38
N LEU F 13 21.38 34.69 -13.33
CA LEU F 13 21.12 36.10 -13.08
C LEU F 13 19.65 36.40 -13.10
N VAL F 14 19.20 37.22 -12.17
CA VAL F 14 17.89 37.83 -12.26
C VAL F 14 17.98 39.26 -11.80
N GLN F 15 17.01 40.05 -12.26
CA GLN F 15 16.81 41.39 -11.76
C GLN F 15 16.22 41.36 -10.35
N ALA F 16 16.48 42.42 -9.59
CA ALA F 16 15.79 42.64 -8.32
C ALA F 16 14.29 42.59 -8.57
N GLY F 17 13.61 41.80 -7.75
CA GLY F 17 12.18 41.63 -7.83
C GLY F 17 11.78 40.42 -8.63
N GLY F 18 12.79 39.67 -9.10
CA GLY F 18 12.56 38.53 -9.96
C GLY F 18 12.43 37.23 -9.19
N SER F 19 12.13 36.15 -9.90
CA SER F 19 11.94 34.85 -9.28
C SER F 19 12.91 33.85 -9.90
N LEU F 20 13.21 32.78 -9.18
CA LEU F 20 14.06 31.70 -9.72
C LEU F 20 13.74 30.42 -8.97
N ARG F 21 13.84 29.28 -9.64
CA ARG F 21 13.55 28.00 -9.00
C ARG F 21 14.77 27.08 -9.06
N LEU F 22 15.24 26.63 -7.89
CA LEU F 22 16.38 25.76 -7.84
C LEU F 22 15.82 24.39 -7.59
N SER F 23 16.51 23.39 -8.13
CA SER F 23 16.13 22.00 -7.91
C SER F 23 17.30 21.32 -7.26
N CYS F 24 16.99 20.24 -6.55
CA CYS F 24 18.00 19.40 -5.93
C CYS F 24 17.51 17.99 -6.08
N ALA F 25 18.09 17.28 -7.06
CA ALA F 25 17.67 15.92 -7.38
C ALA F 25 18.48 14.93 -6.59
N ALA F 26 17.79 13.98 -5.94
CA ALA F 26 18.47 12.97 -5.11
C ALA F 26 18.52 11.69 -5.88
N SER F 27 19.61 10.94 -5.75
CA SER F 27 19.69 9.63 -6.39
C SER F 27 20.52 8.70 -5.54
N GLY F 28 20.24 7.41 -5.64
CA GLY F 28 20.87 6.38 -4.80
C GLY F 28 19.84 5.82 -3.87
N ARG F 29 20.27 5.46 -2.66
CA ARG F 29 19.34 4.92 -1.68
C ARG F 29 18.62 6.09 -1.00
N THR F 30 17.67 6.66 -1.72
CA THR F 30 16.95 7.80 -1.19
C THR F 30 15.79 7.40 -0.27
N HIS F 31 15.55 8.24 0.75
CA HIS F 31 14.38 8.18 1.63
C HIS F 31 13.82 9.62 1.71
N THR F 32 12.68 9.85 1.06
CA THR F 32 12.16 11.20 0.83
C THR F 32 11.66 11.98 2.05
N PRO F 33 11.34 11.29 3.18
CA PRO F 33 11.05 12.05 4.43
C PRO F 33 12.26 12.54 5.20
N TYR F 34 13.48 12.11 4.81
CA TYR F 34 14.69 12.66 5.39
C TYR F 34 14.87 14.11 5.04
N ALA F 35 15.61 14.78 5.90
CA ALA F 35 15.66 16.21 5.86
C ALA F 35 16.58 16.67 4.77
N MET F 36 16.10 17.67 4.02
CA MET F 36 16.90 18.33 3.05
C MET F 36 16.91 19.80 3.42
N GLY F 37 18.12 20.33 3.62
CA GLY F 37 18.29 21.71 4.01
C GLY F 37 18.85 22.45 2.84
N TRP F 38 18.51 23.73 2.76
CA TRP F 38 19.15 24.70 1.88
C TRP F 38 19.99 25.68 2.67
N PHE F 39 21.20 25.94 2.17
CA PHE F 39 22.13 26.88 2.73
C PHE F 39 22.64 27.84 1.67
N ARG F 40 23.14 28.97 2.08
CA ARG F 40 23.73 29.87 1.15
C ARG F 40 25.00 30.50 1.69
N GLN F 41 25.92 30.77 0.76
CA GLN F 41 27.23 31.35 1.05
C GLN F 41 27.60 32.40 0.02
N ALA F 42 27.79 33.64 0.45
CA ALA F 42 28.27 34.73 -0.42
C ALA F 42 29.82 34.82 -0.28
N PRO F 43 30.49 35.63 -1.14
CA PRO F 43 31.94 35.65 -1.16
C PRO F 43 32.57 35.34 0.20
N GLY F 44 32.81 34.05 0.46
CA GLY F 44 33.33 33.55 1.74
C GLY F 44 32.72 34.15 3.01
N LYS F 45 31.64 33.53 3.52
CA LYS F 45 31.03 33.93 4.83
C LYS F 45 30.56 32.75 5.72
N GLU F 46 30.75 31.51 5.24
CA GLU F 46 30.16 30.29 5.81
C GLU F 46 28.65 30.17 5.51
N ARG F 47 28.22 28.92 5.38
CA ARG F 47 26.91 28.60 4.89
C ARG F 47 25.85 28.86 5.95
N GLU F 48 25.03 29.86 5.71
CA GLU F 48 23.90 30.15 6.57
C GLU F 48 22.65 29.41 6.05
N PHE F 49 21.85 28.92 7.00
CA PHE F 49 20.60 28.20 6.76
C PHE F 49 19.60 29.09 6.05
N VAL F 50 18.89 28.55 5.06
CA VAL F 50 17.85 29.27 4.33
C VAL F 50 16.49 28.65 4.71
N GLY F 51 16.42 27.33 4.68
CA GLY F 51 15.23 26.56 4.98
C GLY F 51 15.45 25.08 4.83
N GLY F 52 14.49 24.30 5.31
CA GLY F 52 14.48 22.87 5.17
C GLY F 52 13.10 22.26 5.09
N ILE F 53 13.08 21.00 4.69
CA ILE F 53 11.84 20.23 4.61
C ILE F 53 12.16 18.84 5.06
N GLY F 54 11.25 18.25 5.84
CA GLY F 54 11.43 16.93 6.44
C GLY F 54 10.12 16.34 6.93
N GLY F 55 10.17 15.06 7.29
CA GLY F 55 9.01 14.33 7.79
C GLY F 55 8.09 13.74 6.73
N VAL F 56 7.35 12.73 7.19
CA VAL F 56 6.35 11.99 6.43
C VAL F 56 5.28 12.93 5.94
N ALA F 57 4.71 13.67 6.87
CA ALA F 57 4.00 14.91 6.57
C ALA F 57 5.07 15.94 6.37
N ALA F 58 5.15 16.52 5.17
CA ALA F 58 6.37 17.20 4.69
C ALA F 58 6.63 18.62 5.23
N THR F 59 7.10 18.71 6.46
CA THR F 59 7.10 20.00 7.19
C THR F 59 8.24 20.90 6.82
N THR F 60 7.95 22.17 6.65
CA THR F 60 8.93 23.15 6.25
C THR F 60 9.22 24.18 7.35
N THR F 61 10.47 24.62 7.32
CA THR F 61 11.08 25.56 8.26
C THR F 61 11.89 26.59 7.45
N TYR F 62 11.84 27.88 7.82
CA TYR F 62 12.48 28.97 7.08
C TYR F 62 13.26 29.86 7.99
N ALA F 63 14.43 30.31 7.54
CA ALA F 63 15.13 31.42 8.21
C ALA F 63 14.31 32.70 8.08
N ASP F 64 14.42 33.56 9.09
CA ASP F 64 13.69 34.79 9.12
C ASP F 64 13.88 35.65 7.87
N SER F 65 15.08 35.59 7.28
CA SER F 65 15.45 36.50 6.21
C SER F 65 14.81 36.09 4.88
N VAL F 66 14.30 34.87 4.77
CA VAL F 66 13.69 34.44 3.49
C VAL F 66 12.22 34.06 3.54
N ARG F 67 11.62 34.03 4.74
CA ARG F 67 10.26 33.52 4.92
C ARG F 67 9.27 34.28 4.09
N GLY F 68 8.27 33.59 3.56
CA GLY F 68 7.29 34.22 2.68
C GLY F 68 7.83 34.23 1.25
N ARG F 69 8.97 34.88 1.05
CA ARG F 69 9.60 35.08 -0.27
C ARG F 69 10.08 33.79 -0.92
N PHE F 70 10.66 32.88 -0.13
CA PHE F 70 11.18 31.61 -0.65
C PHE F 70 10.29 30.48 -0.12
N THR F 71 10.05 29.48 -0.95
CA THR F 71 9.27 28.30 -0.57
C THR F 71 9.92 27.03 -0.97
N ILE F 72 9.84 26.04 -0.10
CA ILE F 72 10.45 24.76 -0.33
C ILE F 72 9.36 23.71 -0.52
N SER F 73 9.50 22.85 -1.54
CA SER F 73 8.65 21.69 -1.67
C SER F 73 9.44 20.49 -2.17
N ARG F 74 8.70 19.40 -2.38
CA ARG F 74 9.24 18.08 -2.61
C ARG F 74 8.41 17.36 -3.64
N ASP F 75 9.06 16.67 -4.59
CA ASP F 75 8.35 15.69 -5.39
C ASP F 75 8.91 14.32 -5.03
N ASP F 76 8.09 13.51 -4.35
CA ASP F 76 8.57 12.25 -3.81
C ASP F 76 8.95 11.31 -4.97
N ALA F 77 8.06 11.16 -5.93
CA ALA F 77 8.32 10.28 -7.08
C ALA F 77 9.66 10.56 -7.75
N LYS F 78 9.99 11.83 -7.97
CA LYS F 78 11.27 12.20 -8.62
C LYS F 78 12.41 12.39 -7.65
N ALA F 79 12.22 12.06 -6.37
CA ALA F 79 13.23 12.35 -5.32
C ALA F 79 13.92 13.72 -5.48
N THR F 80 13.13 14.74 -5.79
CA THR F 80 13.67 16.07 -5.95
C THR F 80 13.03 17.08 -4.99
N VAL F 81 13.85 18.02 -4.52
CA VAL F 81 13.40 19.11 -3.66
C VAL F 81 13.65 20.41 -4.42
N TYR F 82 12.72 21.34 -4.29
CA TYR F 82 12.80 22.62 -4.98
C TYR F 82 12.90 23.72 -3.95
N LEU F 83 13.55 24.83 -4.32
CA LEU F 83 13.45 26.09 -3.62
C LEU F 83 13.07 27.19 -4.62
N GLN F 84 11.84 27.66 -4.48
CA GLN F 84 11.28 28.69 -5.30
C GLN F 84 11.61 29.97 -4.65
N MET F 85 12.16 30.91 -5.41
CA MET F 85 12.56 32.16 -4.83
C MET F 85 11.84 33.29 -5.53
N ASN F 86 11.23 34.16 -4.75
CA ASN F 86 10.52 35.29 -5.27
C ASN F 86 10.95 36.56 -4.59
N SER F 87 10.52 37.69 -5.17
CA SER F 87 10.91 38.99 -4.71
C SER F 87 12.38 38.98 -4.38
N LEU F 88 13.21 38.46 -5.28
CA LEU F 88 14.64 38.39 -5.03
C LEU F 88 15.26 39.76 -4.94
N LYS F 89 16.29 39.86 -4.12
CA LYS F 89 16.98 41.14 -3.96
C LYS F 89 18.51 40.97 -3.90
N PRO F 90 19.25 42.07 -4.01
CA PRO F 90 20.68 41.86 -4.22
C PRO F 90 21.37 41.17 -3.04
N GLU F 91 20.84 41.39 -1.84
CA GLU F 91 21.32 40.73 -0.62
C GLU F 91 21.17 39.19 -0.66
N ASP F 92 20.32 38.68 -1.56
CA ASP F 92 20.16 37.22 -1.80
C ASP F 92 21.28 36.56 -2.66
N THR F 93 22.12 37.40 -3.29
CA THR F 93 23.26 36.97 -4.12
C THR F 93 24.18 36.08 -3.32
N ALA F 94 24.40 34.86 -3.81
CA ALA F 94 25.08 33.83 -3.05
C ALA F 94 25.18 32.57 -3.86
N VAL F 95 26.02 31.63 -3.41
CA VAL F 95 25.96 30.26 -3.87
C VAL F 95 24.99 29.57 -2.93
N TYR F 96 23.98 28.90 -3.49
CA TYR F 96 23.00 28.13 -2.70
C TYR F 96 23.39 26.67 -2.78
N TYR F 97 23.27 25.95 -1.68
CA TYR F 97 23.53 24.50 -1.64
C TYR F 97 22.30 23.80 -1.11
N CYS F 98 22.11 22.54 -1.48
CA CYS F 98 21.15 21.65 -0.78
C CYS F 98 21.95 20.55 -0.06
N ALA F 99 21.39 19.99 0.99
CA ALA F 99 22.12 19.00 1.76
C ALA F 99 21.14 18.07 2.38
N THR F 100 21.56 16.86 2.70
CA THR F 100 20.68 15.88 3.31
C THR F 100 21.42 15.03 4.33
N ARG F 101 20.65 14.24 5.08
CA ARG F 101 21.17 13.55 6.27
C ARG F 101 20.21 12.45 6.56
N ALA F 102 20.63 11.49 7.39
CA ALA F 102 19.85 10.29 7.66
C ALA F 102 18.95 10.45 8.87
N SER F 103 18.06 11.43 8.78
CA SER F 103 17.17 11.78 9.86
C SER F 103 16.13 12.74 9.29
N MET F 104 14.93 12.70 9.86
CA MET F 104 13.82 13.57 9.43
C MET F 104 14.03 14.99 9.95
N ALA F 105 14.86 15.14 10.97
CA ALA F 105 15.01 16.45 11.62
C ALA F 105 15.81 17.46 10.82
N VAL F 106 15.24 18.64 10.66
CA VAL F 106 15.95 19.74 10.10
C VAL F 106 16.79 20.45 11.17
N SER F 107 18.05 20.78 10.81
CA SER F 107 18.91 21.59 11.63
C SER F 107 19.51 22.73 10.85
N THR F 108 19.84 23.82 11.56
CA THR F 108 20.43 25.02 10.99
C THR F 108 21.95 24.91 10.80
N SER F 109 22.58 23.88 11.35
CA SER F 109 24.05 23.71 11.24
C SER F 109 24.44 22.88 10.01
N PRO F 110 25.28 23.44 9.12
CA PRO F 110 25.72 22.61 7.98
C PRO F 110 26.38 21.29 8.39
N ARG F 111 27.12 21.33 9.51
CA ARG F 111 27.90 20.16 10.03
C ARG F 111 27.19 18.80 10.08
N VAL F 112 25.91 18.79 10.46
CA VAL F 112 25.21 17.52 10.65
C VAL F 112 24.62 16.90 9.36
N TYR F 113 24.89 17.53 8.21
CA TYR F 113 24.53 16.94 6.93
C TYR F 113 25.78 16.41 6.21
N PRO F 114 25.95 15.09 6.20
CA PRO F 114 27.06 14.47 5.47
C PRO F 114 27.01 14.66 3.96
N ILE F 115 25.84 14.90 3.37
CA ILE F 115 25.72 14.90 1.90
C ILE F 115 25.39 16.26 1.29
N TRP F 116 26.23 16.70 0.34
CA TRP F 116 26.19 18.06 -0.23
C TRP F 116 26.01 18.11 -1.73
N GLY F 117 25.14 19.00 -2.21
CA GLY F 117 25.02 19.27 -3.63
C GLY F 117 26.20 20.13 -4.03
N GLN F 118 26.36 20.41 -5.31
CA GLN F 118 27.56 21.07 -5.78
C GLN F 118 27.48 22.59 -5.63
N GLY F 119 26.26 23.10 -5.49
CA GLY F 119 26.06 24.53 -5.27
C GLY F 119 25.68 25.18 -6.57
N THR F 120 24.80 26.16 -6.52
CA THR F 120 24.42 26.89 -7.74
C THR F 120 24.59 28.37 -7.45
N GLN F 121 25.15 29.11 -8.40
CA GLN F 121 25.33 30.54 -8.19
C GLN F 121 23.99 31.21 -8.40
N VAL F 122 23.73 32.25 -7.62
CA VAL F 122 22.59 33.12 -7.85
C VAL F 122 23.02 34.56 -7.74
N THR F 123 22.63 35.35 -8.71
CA THR F 123 23.06 36.73 -8.78
C THR F 123 21.88 37.63 -9.14
N VAL F 124 21.72 38.68 -8.34
CA VAL F 124 20.55 39.53 -8.38
C VAL F 124 20.99 40.98 -8.50
N SER F 125 20.55 41.65 -9.55
CA SER F 125 21.16 42.94 -9.91
C SER F 125 20.31 44.14 -9.61
N SER F 126 20.88 45.06 -8.84
CA SER F 126 20.47 46.48 -8.76
C SER F 126 19.02 46.75 -9.13
N ALA G 2 -3.92 -36.34 14.91
CA ALA G 2 -3.55 -37.68 15.47
C ALA G 2 -2.03 -37.85 15.67
N GLN G 3 -1.28 -37.87 14.56
CA GLN G 3 0.11 -38.35 14.55
C GLN G 3 1.16 -37.40 15.12
N VAL G 4 1.14 -36.17 14.63
CA VAL G 4 2.03 -35.13 15.09
C VAL G 4 1.30 -33.79 15.07
N GLN G 5 1.42 -33.00 16.13
CA GLN G 5 0.85 -31.64 16.18
C GLN G 5 1.98 -30.61 16.19
N LEU G 6 1.79 -29.51 15.49
CA LEU G 6 2.80 -28.46 15.44
C LEU G 6 2.29 -27.24 16.13
N GLN G 7 3.03 -26.74 17.11
CA GLN G 7 2.66 -25.52 17.82
C GLN G 7 3.64 -24.39 17.55
N GLN G 8 3.16 -23.38 16.85
CA GLN G 8 3.92 -22.18 16.53
C GLN G 8 3.81 -21.09 17.57
N SER G 9 4.89 -20.33 17.71
CA SER G 9 4.93 -19.15 18.53
C SER G 9 5.92 -18.18 17.95
N GLY G 10 5.73 -16.93 18.35
CA GLY G 10 6.43 -15.79 17.77
C GLY G 10 5.39 -15.05 16.95
N GLY G 11 5.83 -14.02 16.23
CA GLY G 11 4.93 -13.27 15.36
C GLY G 11 4.69 -11.91 15.92
N GLY G 12 4.09 -11.03 15.14
CA GLY G 12 3.76 -9.72 15.60
C GLY G 12 4.37 -8.63 14.76
N LEU G 13 4.52 -7.47 15.38
CA LEU G 13 4.92 -6.28 14.66
C LEU G 13 6.38 -6.01 14.91
N VAL G 14 7.10 -5.68 13.84
CA VAL G 14 8.51 -5.32 13.89
C VAL G 14 8.77 -4.16 12.93
N GLN G 15 9.73 -3.30 13.31
CA GLN G 15 10.22 -2.22 12.45
C GLN G 15 10.92 -2.73 11.20
N ALA G 16 10.91 -1.92 10.15
CA ALA G 16 11.65 -2.23 8.92
C ALA G 16 13.11 -2.52 9.25
N GLY G 17 13.64 -3.63 8.73
CA GLY G 17 15.01 -4.03 8.98
C GLY G 17 15.25 -4.63 10.36
N GLY G 18 14.19 -4.91 11.12
CA GLY G 18 14.36 -5.60 12.40
C GLY G 18 14.51 -7.11 12.23
N SER G 19 14.46 -7.83 13.35
CA SER G 19 14.63 -9.30 13.38
C SER G 19 13.48 -9.93 14.13
N LEU G 20 13.26 -11.22 13.92
CA LEU G 20 12.18 -11.95 14.58
C LEU G 20 12.52 -13.41 14.53
N ARG G 21 12.30 -14.15 15.59
CA ARG G 21 12.48 -15.59 15.54
C ARG G 21 11.18 -16.31 15.82
N LEU G 22 10.77 -17.18 14.89
CA LEU G 22 9.57 -18.03 15.06
C LEU G 22 10.02 -19.43 15.38
N SER G 23 9.24 -20.11 16.20
CA SER G 23 9.49 -21.46 16.58
C SER G 23 8.26 -22.33 16.18
N CYS G 24 8.52 -23.63 16.00
CA CYS G 24 7.52 -24.60 15.62
C CYS G 24 7.82 -25.89 16.33
N ALA G 25 7.08 -26.15 17.41
CA ALA G 25 7.32 -27.30 18.30
C ALA G 25 6.46 -28.48 17.94
N ALA G 26 7.08 -29.64 17.76
CA ALA G 26 6.35 -30.81 17.35
C ALA G 26 6.16 -31.76 18.52
N SER G 27 4.95 -32.34 18.64
CA SER G 27 4.65 -33.29 19.71
C SER G 27 3.97 -34.52 19.14
N GLY G 28 4.09 -35.64 19.87
CA GLY G 28 3.49 -36.89 19.40
C GLY G 28 4.55 -37.79 18.83
N ARG G 29 4.26 -38.47 17.72
CA ARG G 29 5.17 -39.44 17.12
C ARG G 29 6.23 -38.73 16.25
N THR G 30 7.13 -38.02 16.90
CA THR G 30 8.04 -37.14 16.16
C THR G 30 9.32 -37.83 15.72
N HIS G 31 9.83 -37.36 14.60
CA HIS G 31 11.07 -37.87 14.02
C HIS G 31 11.82 -36.68 13.40
N THR G 32 12.89 -36.24 14.05
CA THR G 32 13.49 -34.94 13.69
C THR G 32 14.14 -34.87 12.29
N PRO G 33 14.60 -35.99 11.74
CA PRO G 33 15.11 -35.94 10.39
C PRO G 33 14.08 -35.64 9.31
N TYR G 34 12.78 -35.79 9.60
CA TYR G 34 11.77 -35.50 8.58
C TYR G 34 11.72 -34.00 8.28
N ALA G 35 11.44 -33.66 7.04
CA ALA G 35 11.34 -32.28 6.57
C ALA G 35 10.38 -31.39 7.36
N MET G 36 10.83 -30.17 7.65
CA MET G 36 9.97 -29.13 8.16
C MET G 36 10.09 -27.96 7.25
N GLY G 37 8.97 -27.59 6.65
CA GLY G 37 8.96 -26.44 5.73
C GLY G 37 8.22 -25.25 6.29
N TRP G 38 8.71 -24.06 5.93
CA TRP G 38 8.11 -22.81 6.30
C TRP G 38 7.53 -22.22 5.04
N PHE G 39 6.24 -21.84 5.12
CA PHE G 39 5.52 -21.18 4.04
C PHE G 39 4.88 -19.92 4.58
N ARG G 40 4.60 -18.98 3.69
CA ARG G 40 3.87 -17.80 4.05
C ARG G 40 2.77 -17.45 3.03
N GLN G 41 1.82 -16.65 3.52
CA GLN G 41 0.61 -16.28 2.78
C GLN G 41 0.15 -14.84 3.10
N ALA G 42 -0.07 -14.06 2.06
CA ALA G 42 -0.81 -12.76 2.12
C ALA G 42 -2.28 -13.00 1.79
N PRO G 43 -3.17 -12.06 2.22
CA PRO G 43 -4.60 -12.20 1.92
C PRO G 43 -4.86 -12.50 0.43
N GLY G 44 -5.78 -13.43 0.18
CA GLY G 44 -6.19 -13.79 -1.19
C GLY G 44 -5.19 -14.50 -2.12
N LYS G 45 -3.96 -14.80 -1.66
CA LYS G 45 -2.92 -15.42 -2.52
C LYS G 45 -2.44 -16.81 -2.02
N GLU G 46 -1.90 -17.61 -2.95
CA GLU G 46 -1.52 -18.99 -2.62
C GLU G 46 -0.32 -18.94 -1.69
N ARG G 47 -0.15 -19.98 -0.88
CA ARG G 47 0.96 -20.02 0.07
C ARG G 47 2.26 -20.21 -0.69
N GLU G 48 3.32 -19.52 -0.26
CA GLU G 48 4.63 -19.64 -0.90
C GLU G 48 5.72 -20.20 0.04
N PHE G 49 6.61 -20.97 -0.55
CA PHE G 49 7.71 -21.61 0.15
C PHE G 49 8.71 -20.55 0.62
N VAL G 50 9.11 -20.63 1.88
CA VAL G 50 10.09 -19.73 2.46
C VAL G 50 11.42 -20.46 2.61
N GLY G 51 11.38 -21.65 3.19
CA GLY G 51 12.55 -22.47 3.39
C GLY G 51 12.18 -23.72 4.15
N GLY G 52 13.11 -24.65 4.22
CA GLY G 52 12.91 -25.87 4.99
C GLY G 52 14.19 -26.55 5.46
N ILE G 53 14.01 -27.54 6.34
CA ILE G 53 15.07 -28.28 6.94
C ILE G 53 14.71 -29.75 7.07
N GLY G 54 15.64 -30.60 6.66
CA GLY G 54 15.42 -32.04 6.74
C GLY G 54 16.67 -32.85 6.70
N GLY G 55 16.52 -34.13 7.04
CA GLY G 55 17.62 -35.07 6.96
C GLY G 55 18.47 -35.16 8.22
N VAL G 56 19.25 -36.22 8.34
CA VAL G 56 20.08 -36.40 9.52
C VAL G 56 21.12 -35.29 9.68
N ALA G 57 21.67 -34.77 8.59
CA ALA G 57 22.63 -33.68 8.66
C ALA G 57 21.98 -32.26 8.62
N ALA G 58 20.65 -32.18 8.72
CA ALA G 58 19.97 -30.91 8.92
C ALA G 58 20.24 -29.95 7.76
N THR G 59 20.05 -30.47 6.57
CA THR G 59 20.19 -29.74 5.31
C THR G 59 19.04 -28.75 5.18
N THR G 60 19.38 -27.51 4.85
CA THR G 60 18.40 -26.46 4.67
C THR G 60 18.29 -26.06 3.20
N THR G 61 17.14 -25.49 2.86
CA THR G 61 16.93 -24.91 1.56
C THR G 61 16.00 -23.70 1.71
N TYR G 62 16.21 -22.69 0.87
CA TYR G 62 15.55 -21.39 1.04
C TYR G 62 15.04 -20.84 -0.26
N ALA G 63 13.98 -20.05 -0.22
CA ALA G 63 13.55 -19.33 -1.40
C ALA G 63 14.53 -18.19 -1.64
N ASP G 64 14.86 -17.96 -2.92
CA ASP G 64 15.72 -16.86 -3.36
C ASP G 64 15.50 -15.54 -2.65
N SER G 65 14.24 -15.17 -2.43
CA SER G 65 13.91 -13.87 -1.89
C SER G 65 14.44 -13.70 -0.48
N VAL G 66 14.68 -14.79 0.23
CA VAL G 66 15.13 -14.68 1.64
C VAL G 66 16.55 -15.17 1.95
N ARG G 67 17.15 -15.90 1.01
CA ARG G 67 18.52 -16.41 1.16
C ARG G 67 19.48 -15.29 1.60
N GLY G 68 20.25 -15.54 2.65
CA GLY G 68 21.13 -14.53 3.25
C GLY G 68 20.53 -13.72 4.40
N ARG G 69 19.19 -13.70 4.51
CA ARG G 69 18.45 -12.98 5.56
C ARG G 69 17.72 -13.89 6.57
N PHE G 70 17.21 -15.03 6.13
CA PHE G 70 16.49 -15.95 6.99
C PHE G 70 17.28 -17.24 7.16
N THR G 71 17.35 -17.72 8.39
CA THR G 71 18.05 -18.97 8.69
C THR G 71 17.13 -19.92 9.41
N ILE G 72 17.17 -21.19 9.02
CA ILE G 72 16.36 -22.22 9.67
C ILE G 72 17.30 -23.16 10.43
N SER G 73 16.98 -23.36 11.70
CA SER G 73 17.68 -24.33 12.54
C SER G 73 16.69 -25.20 13.29
N ARG G 74 17.19 -26.29 13.89
CA ARG G 74 16.35 -27.15 14.73
C ARG G 74 17.07 -27.61 16.01
N ASP G 75 16.32 -27.77 17.08
CA ASP G 75 16.80 -28.38 18.31
C ASP G 75 16.17 -29.78 18.39
N ASP G 76 16.97 -30.84 18.24
CA ASP G 76 16.40 -32.19 18.22
C ASP G 76 15.75 -32.58 19.53
N ALA G 77 16.37 -32.27 20.66
CA ALA G 77 15.79 -32.61 21.98
C ALA G 77 14.43 -31.92 22.26
N LYS G 78 14.27 -30.68 21.85
CA LYS G 78 12.98 -30.01 22.07
C LYS G 78 11.98 -30.28 20.97
N ALA G 79 12.37 -31.09 19.98
CA ALA G 79 11.60 -31.37 18.81
C ALA G 79 11.07 -30.08 18.21
N THR G 80 11.92 -29.05 18.09
CA THR G 80 11.48 -27.74 17.65
C THR G 80 12.38 -27.19 16.51
N VAL G 81 11.73 -26.55 15.53
CA VAL G 81 12.40 -25.88 14.42
C VAL G 81 12.18 -24.36 14.52
N TYR G 82 13.21 -23.61 14.18
CA TYR G 82 13.21 -22.16 14.27
C TYR G 82 13.40 -21.53 12.93
N LEU G 83 12.68 -20.43 12.72
CA LEU G 83 12.93 -19.55 11.57
C LEU G 83 13.40 -18.22 12.11
N GLN G 84 14.72 -17.97 12.00
CA GLN G 84 15.31 -16.70 12.34
C GLN G 84 15.19 -15.75 11.16
N MET G 85 14.57 -14.59 11.38
CA MET G 85 14.44 -13.61 10.32
C MET G 85 15.18 -12.37 10.70
N ASN G 86 16.07 -11.91 9.81
CA ASN G 86 16.81 -10.65 9.98
C ASN G 86 16.51 -9.74 8.81
N SER G 87 16.76 -8.44 8.96
CA SER G 87 16.59 -7.52 7.82
C SER G 87 15.21 -7.64 7.17
N LEU G 88 14.16 -7.65 7.99
CA LEU G 88 12.83 -7.76 7.45
C LEU G 88 12.38 -6.46 6.76
N LYS G 89 11.57 -6.62 5.72
CA LYS G 89 10.91 -5.51 5.03
C LYS G 89 9.41 -5.80 4.80
N PRO G 90 8.62 -4.74 4.49
CA PRO G 90 7.18 -4.86 4.29
C PRO G 90 6.75 -6.02 3.35
N GLU G 91 7.57 -6.34 2.34
CA GLU G 91 7.22 -7.43 1.43
C GLU G 91 7.19 -8.79 2.14
N ASP G 92 7.73 -8.84 3.36
CA ASP G 92 7.73 -10.03 4.20
C ASP G 92 6.47 -10.16 5.09
N THR G 93 5.70 -9.09 5.23
CA THR G 93 4.43 -9.15 5.98
C THR G 93 3.56 -10.27 5.41
N ALA G 94 3.16 -11.21 6.27
CA ALA G 94 2.28 -12.30 5.85
C ALA G 94 1.96 -13.19 7.05
N VAL G 95 1.15 -14.23 6.85
CA VAL G 95 0.98 -15.26 7.91
C VAL G 95 1.98 -16.37 7.59
N TYR G 96 2.75 -16.77 8.60
CA TYR G 96 3.83 -17.75 8.43
C TYR G 96 3.44 -19.07 9.08
N TYR G 97 3.56 -20.15 8.31
CA TYR G 97 3.26 -21.51 8.79
C TYR G 97 4.51 -22.39 8.74
N CYS G 98 4.58 -23.34 9.67
CA CYS G 98 5.45 -24.49 9.51
C CYS G 98 4.58 -25.69 9.18
N ALA G 99 5.20 -26.77 8.73
CA ALA G 99 4.50 -27.91 8.19
C ALA G 99 5.46 -29.09 8.06
N THR G 100 4.98 -30.30 8.26
CA THR G 100 5.85 -31.47 8.15
C THR G 100 5.21 -32.57 7.27
N ARG G 101 6.02 -33.58 6.97
CA ARG G 101 5.64 -34.74 6.16
C ARG G 101 6.46 -35.93 6.61
N ALA G 102 6.00 -37.14 6.30
CA ALA G 102 6.80 -38.33 6.58
C ALA G 102 7.82 -38.60 5.46
N SER G 103 8.62 -37.59 5.12
CA SER G 103 9.74 -37.74 4.20
C SER G 103 10.84 -36.80 4.65
N MET G 104 12.08 -37.17 4.38
CA MET G 104 13.20 -36.31 4.69
C MET G 104 13.31 -35.25 3.60
N ALA G 105 12.69 -35.47 2.43
CA ALA G 105 12.79 -34.51 1.30
C ALA G 105 12.04 -33.25 1.58
N VAL G 106 12.75 -32.13 1.51
CA VAL G 106 12.15 -30.83 1.67
C VAL G 106 11.58 -30.41 0.31
N SER G 107 10.26 -30.50 0.17
CA SER G 107 9.54 -30.10 -1.05
C SER G 107 9.10 -28.65 -0.95
N THR G 108 9.09 -27.94 -2.07
CA THR G 108 8.62 -26.55 -2.12
C THR G 108 7.11 -26.46 -2.27
N SER G 109 6.46 -27.59 -2.48
CA SER G 109 5.04 -27.58 -2.68
C SER G 109 4.35 -27.73 -1.34
N PRO G 110 3.48 -26.79 -0.99
CA PRO G 110 2.77 -26.95 0.29
C PRO G 110 1.82 -28.16 0.30
N ARG G 111 1.35 -28.61 -0.87
CA ARG G 111 0.35 -29.70 -0.91
C ARG G 111 0.85 -31.08 -0.51
N VAL G 112 2.16 -31.32 -0.54
CA VAL G 112 2.71 -32.64 -0.15
C VAL G 112 2.92 -32.76 1.38
N TYR G 113 2.55 -31.72 2.12
CA TYR G 113 2.71 -31.71 3.56
C TYR G 113 1.35 -31.88 4.25
N PRO G 114 1.14 -33.03 4.90
CA PRO G 114 -0.19 -33.27 5.44
C PRO G 114 -0.40 -32.69 6.84
N ILE G 115 0.68 -32.23 7.50
CA ILE G 115 0.58 -31.69 8.86
C ILE G 115 1.04 -30.24 8.89
N TRP G 116 0.19 -29.42 9.50
CA TRP G 116 0.24 -27.97 9.43
C TRP G 116 0.20 -27.37 10.81
N GLY G 117 1.04 -26.37 11.01
CA GLY G 117 0.93 -25.50 12.18
C GLY G 117 -0.21 -24.50 11.99
N GLN G 118 -0.70 -23.94 13.07
CA GLN G 118 -1.83 -22.98 13.06
C GLN G 118 -1.50 -21.67 12.34
N GLY G 119 -0.22 -21.33 12.27
CA GLY G 119 0.20 -20.12 11.59
C GLY G 119 0.29 -18.92 12.51
N THR G 120 1.20 -18.00 12.19
CA THR G 120 1.28 -16.70 12.88
C THR G 120 1.51 -15.47 11.99
N GLN G 121 0.92 -14.35 12.40
CA GLN G 121 1.04 -13.11 11.64
C GLN G 121 2.37 -12.42 11.93
N VAL G 122 3.06 -12.03 10.88
CA VAL G 122 4.25 -11.19 10.99
C VAL G 122 3.92 -9.97 10.15
N THR G 123 4.11 -8.80 10.73
CA THR G 123 3.72 -7.54 10.14
C THR G 123 4.91 -6.61 10.25
N VAL G 124 5.51 -6.26 9.12
CA VAL G 124 6.67 -5.37 9.10
C VAL G 124 6.25 -4.00 8.54
N SER G 125 6.46 -2.95 9.33
CA SER G 125 6.11 -1.60 8.91
C SER G 125 7.38 -0.86 8.47
N SER G 126 7.41 0.45 8.69
CA SER G 126 8.63 1.25 8.57
C SER G 126 8.67 2.30 9.67
N ALA H 2 -13.43 38.10 -18.35
CA ALA H 2 -12.19 38.03 -19.17
C ALA H 2 -11.26 39.21 -18.81
N GLN H 3 -10.84 39.27 -17.54
CA GLN H 3 -9.82 40.24 -17.04
C GLN H 3 -8.45 39.59 -16.83
N VAL H 4 -8.49 38.35 -16.37
CA VAL H 4 -7.33 37.50 -16.25
C VAL H 4 -7.81 36.20 -16.85
N GLN H 5 -6.92 35.43 -17.47
CA GLN H 5 -7.27 34.07 -17.93
C GLN H 5 -6.28 33.08 -17.34
N LEU H 6 -6.72 31.85 -17.12
CA LEU H 6 -5.92 30.80 -16.45
C LEU H 6 -5.79 29.61 -17.38
N GLN H 7 -4.57 29.25 -17.75
CA GLN H 7 -4.34 28.04 -18.56
C GLN H 7 -3.69 26.99 -17.67
N GLN H 8 -4.32 25.85 -17.52
CA GLN H 8 -3.73 24.79 -16.73
C GLN H 8 -2.85 23.90 -17.55
N SER H 9 -2.04 23.11 -16.86
CA SER H 9 -1.17 22.11 -17.47
C SER H 9 -0.93 20.98 -16.50
N GLY H 10 -0.48 19.86 -17.04
CA GLY H 10 0.18 18.82 -16.26
C GLY H 10 -0.57 17.60 -15.73
N GLY H 11 -1.78 17.33 -16.23
CA GLY H 11 -2.58 16.20 -15.68
C GLY H 11 -2.16 14.80 -16.09
N GLY H 12 -3.02 13.80 -15.90
CA GLY H 12 -2.80 12.47 -16.50
C GLY H 12 -2.90 11.31 -15.55
N LEU H 13 -2.29 10.19 -15.94
CA LEU H 13 -2.36 8.93 -15.19
C LEU H 13 -1.14 8.79 -14.34
N VAL H 14 -1.40 8.57 -13.05
CA VAL H 14 -0.36 8.40 -12.08
C VAL H 14 -0.62 7.04 -11.45
N GLN H 15 0.43 6.33 -11.10
CA GLN H 15 0.27 5.08 -10.35
C GLN H 15 0.04 5.42 -8.86
N ALA H 16 -0.71 4.57 -8.15
CA ALA H 16 -0.93 4.73 -6.71
C ALA H 16 0.38 4.89 -5.97
N GLY H 17 0.41 5.86 -5.07
CA GLY H 17 1.61 6.19 -4.31
C GLY H 17 2.46 7.24 -5.03
N GLY H 18 2.25 7.44 -6.34
CA GLY H 18 3.06 8.40 -7.12
C GLY H 18 2.72 9.88 -6.92
N SER H 19 3.33 10.71 -7.79
CA SER H 19 3.34 12.18 -7.68
C SER H 19 3.08 12.86 -9.02
N LEU H 20 2.54 14.07 -8.97
CA LEU H 20 2.19 14.85 -10.16
C LEU H 20 2.23 16.28 -9.74
N ARG H 21 2.82 17.15 -10.57
CA ARG H 21 2.72 18.58 -10.38
C ARG H 21 1.73 19.16 -11.39
N LEU H 22 0.67 19.86 -10.94
CA LEU H 22 -0.12 20.69 -11.88
C LEU H 22 0.32 22.15 -11.87
N SER H 23 0.13 22.79 -13.02
CA SER H 23 0.41 24.20 -13.23
C SER H 23 -0.84 24.96 -13.58
N CYS H 24 -0.86 26.22 -13.18
CA CYS H 24 -1.91 27.12 -13.53
C CYS H 24 -1.24 28.44 -13.85
N ALA H 25 -1.17 28.80 -15.13
CA ALA H 25 -0.59 30.07 -15.52
C ALA H 25 -1.63 31.16 -15.74
N ALA H 26 -1.42 32.34 -15.13
CA ALA H 26 -2.36 33.49 -15.30
C ALA H 26 -1.83 34.49 -16.30
N SER H 27 -2.70 35.00 -17.16
CA SER H 27 -2.32 36.06 -18.09
C SER H 27 -3.33 37.17 -17.99
N GLY H 28 -2.91 38.40 -18.34
CA GLY H 28 -3.79 39.57 -18.26
C GLY H 28 -3.37 40.53 -17.17
N ARG H 29 -4.34 41.16 -16.52
CA ARG H 29 -4.05 42.15 -15.45
C ARG H 29 -3.85 41.41 -14.12
N THR H 30 -2.81 40.57 -14.05
CA THR H 30 -2.57 39.68 -12.90
C THR H 30 -2.07 40.44 -11.65
N HIS H 31 -2.43 39.94 -10.49
CA HIS H 31 -2.01 40.47 -9.19
C HIS H 31 -1.65 39.22 -8.39
N THR H 32 -0.36 38.93 -8.26
CA THR H 32 0.05 37.63 -7.70
C THR H 32 -0.27 37.42 -6.20
N PRO H 33 -0.46 38.51 -5.43
CA PRO H 33 -1.02 38.40 -4.06
C PRO H 33 -2.47 37.93 -3.99
N TYR H 34 -3.19 37.97 -5.11
CA TYR H 34 -4.57 37.48 -5.11
C TYR H 34 -4.62 35.96 -4.90
N ALA H 35 -5.69 35.53 -4.29
CA ALA H 35 -5.87 34.15 -3.95
C ALA H 35 -6.03 33.30 -5.21
N MET H 36 -5.28 32.21 -5.27
CA MET H 36 -5.51 31.16 -6.23
C MET H 36 -6.03 29.93 -5.45
N GLY H 37 -7.26 29.51 -5.74
CA GLY H 37 -7.81 28.28 -5.18
C GLY H 37 -7.69 27.08 -6.08
N TRP H 38 -7.46 25.91 -5.48
CA TRP H 38 -7.49 24.64 -6.15
C TRP H 38 -8.69 23.81 -5.65
N PHE H 39 -9.46 23.30 -6.60
CA PHE H 39 -10.67 22.51 -6.30
C PHE H 39 -10.64 21.33 -7.25
N ARG H 40 -11.31 20.25 -6.83
CA ARG H 40 -11.47 19.08 -7.65
C ARG H 40 -12.92 18.59 -7.62
N GLN H 41 -13.27 17.83 -8.64
CA GLN H 41 -14.58 17.18 -8.74
C GLN H 41 -14.44 15.76 -9.25
N ALA H 42 -14.82 14.79 -8.42
CA ALA H 42 -15.05 13.41 -8.88
C ALA H 42 -16.49 13.26 -9.44
N PRO H 43 -16.71 12.27 -10.32
CA PRO H 43 -18.06 12.03 -10.79
C PRO H 43 -18.98 11.75 -9.60
N GLY H 44 -20.09 12.48 -9.51
CA GLY H 44 -21.08 12.27 -8.44
C GLY H 44 -20.86 13.04 -7.15
N LYS H 45 -20.03 14.07 -7.18
CA LYS H 45 -19.76 14.90 -5.99
C LYS H 45 -19.55 16.35 -6.43
N GLU H 46 -19.74 17.34 -5.55
CA GLU H 46 -19.54 18.74 -5.97
C GLU H 46 -18.08 19.14 -5.79
N ARG H 47 -17.67 20.20 -6.50
CA ARG H 47 -16.32 20.74 -6.44
C ARG H 47 -15.94 20.95 -4.99
N GLU H 48 -14.92 20.23 -4.52
CA GLU H 48 -14.50 20.41 -3.15
C GLU H 48 -13.11 21.02 -3.09
N PHE H 49 -12.94 21.93 -2.14
CA PHE H 49 -11.72 22.67 -1.92
C PHE H 49 -10.55 21.74 -1.62
N VAL H 50 -9.45 21.96 -2.34
CA VAL H 50 -8.24 21.17 -2.14
C VAL H 50 -7.25 21.96 -1.32
N GLY H 51 -6.99 23.18 -1.74
CA GLY H 51 -6.12 24.05 -1.01
C GLY H 51 -6.01 25.36 -1.74
N GLY H 52 -5.25 26.29 -1.18
CA GLY H 52 -5.10 27.61 -1.80
C GLY H 52 -3.96 28.45 -1.28
N ILE H 53 -3.61 29.46 -2.07
CA ILE H 53 -2.46 30.32 -1.82
C ILE H 53 -2.83 31.76 -2.06
N GLY H 54 -2.40 32.62 -1.17
CA GLY H 54 -2.63 34.05 -1.36
C GLY H 54 -1.88 34.91 -0.37
N GLY H 55 -1.98 36.22 -0.60
CA GLY H 55 -1.30 37.23 0.20
C GLY H 55 0.11 37.46 -0.26
N VAL H 56 0.69 38.55 0.22
CA VAL H 56 2.02 38.93 -0.19
C VAL H 56 3.05 37.92 0.35
N ALA H 57 2.74 37.30 1.50
CA ALA H 57 3.56 36.28 2.08
C ALA H 57 3.33 34.85 1.54
N ALA H 58 2.47 34.68 0.53
CA ALA H 58 2.21 33.37 -0.06
C ALA H 58 1.71 32.35 0.98
N THR H 59 0.76 32.78 1.81
CA THR H 59 0.10 31.97 2.81
C THR H 59 -0.74 30.86 2.18
N THR H 60 -0.66 29.66 2.72
CA THR H 60 -1.44 28.57 2.18
C THR H 60 -2.35 27.93 3.22
N THR H 61 -3.34 27.22 2.71
CA THR H 61 -4.28 26.49 3.52
C THR H 61 -4.74 25.26 2.71
N TYR H 62 -5.11 24.20 3.43
CA TYR H 62 -5.35 22.87 2.86
C TYR H 62 -6.58 22.18 3.48
N ALA H 63 -7.25 21.35 2.69
CA ALA H 63 -8.30 20.47 3.21
C ALA H 63 -7.58 19.42 4.03
N ASP H 64 -8.25 18.91 5.07
CA ASP H 64 -7.65 17.97 6.01
C ASP H 64 -7.10 16.73 5.34
N SER H 65 -7.84 16.26 4.36
CA SER H 65 -7.51 15.04 3.65
C SER H 65 -6.26 15.13 2.76
N VAL H 66 -5.81 16.34 2.41
CA VAL H 66 -4.61 16.51 1.55
C VAL H 66 -3.39 17.12 2.26
N ARG H 67 -3.59 17.68 3.46
CA ARG H 67 -2.52 18.30 4.24
C ARG H 67 -1.46 17.24 4.53
N GLY H 68 -0.20 17.64 4.37
CA GLY H 68 0.92 16.71 4.48
C GLY H 68 1.37 16.14 3.12
N ARG H 69 0.44 16.01 2.18
CA ARG H 69 0.62 15.28 0.90
C ARG H 69 0.70 16.21 -0.31
N PHE H 70 -0.05 17.31 -0.27
CA PHE H 70 -0.05 18.27 -1.34
C PHE H 70 0.62 19.55 -0.87
N THR H 71 1.39 20.16 -1.76
CA THR H 71 1.91 21.51 -1.52
C THR H 71 1.57 22.44 -2.65
N ILE H 72 1.08 23.61 -2.33
CA ILE H 72 0.90 24.67 -3.30
C ILE H 72 2.03 25.71 -3.20
N SER H 73 2.49 26.18 -4.36
CA SER H 73 3.51 27.24 -4.43
C SER H 73 3.22 28.13 -5.64
N ARG H 74 3.90 29.27 -5.70
CA ARG H 74 3.68 30.24 -6.73
C ARG H 74 5.01 30.89 -7.19
N ASP H 75 5.05 31.24 -8.48
CA ASP H 75 6.23 31.89 -9.08
C ASP H 75 5.79 33.23 -9.65
N ASP H 76 6.15 34.30 -8.95
CA ASP H 76 5.58 35.60 -9.28
C ASP H 76 5.93 36.10 -10.70
N ALA H 77 7.18 35.98 -11.13
CA ALA H 77 7.57 36.47 -12.47
C ALA H 77 6.91 35.70 -13.62
N LYS H 78 6.63 34.41 -13.43
CA LYS H 78 5.87 33.60 -14.39
C LYS H 78 4.36 33.66 -14.17
N ALA H 79 3.92 34.38 -13.13
CA ALA H 79 2.51 34.47 -12.77
C ALA H 79 1.86 33.10 -12.84
N THR H 80 2.53 32.12 -12.24
CA THR H 80 2.09 30.73 -12.27
C THR H 80 2.03 30.16 -10.85
N VAL H 81 1.01 29.36 -10.60
CA VAL H 81 0.83 28.63 -9.37
C VAL H 81 0.86 27.16 -9.67
N TYR H 82 1.50 26.40 -8.79
CA TYR H 82 1.66 24.97 -8.93
C TYR H 82 0.98 24.22 -7.80
N LEU H 83 0.45 23.05 -8.11
CA LEU H 83 -0.05 22.11 -7.12
C LEU H 83 0.85 20.89 -7.16
N GLN H 84 1.68 20.71 -6.12
CA GLN H 84 2.52 19.50 -6.06
C GLN H 84 1.75 18.45 -5.34
N MET H 85 1.56 17.30 -5.94
CA MET H 85 0.81 16.24 -5.29
C MET H 85 1.71 15.04 -5.09
N ASN H 86 1.78 14.57 -3.86
CA ASN H 86 2.49 13.36 -3.48
C ASN H 86 1.55 12.34 -2.88
N SER H 87 2.06 11.11 -2.71
CA SER H 87 1.30 9.97 -2.14
C SER H 87 -0.10 9.89 -2.68
N LEU H 88 -0.23 9.95 -4.00
CA LEU H 88 -1.56 9.97 -4.59
C LEU H 88 -2.20 8.58 -4.42
N LYS H 89 -3.50 8.57 -4.19
CA LYS H 89 -4.27 7.34 -4.08
C LYS H 89 -5.54 7.49 -4.93
N PRO H 90 -6.32 6.41 -5.10
CA PRO H 90 -7.53 6.43 -5.98
C PRO H 90 -8.58 7.48 -5.63
N GLU H 91 -8.72 7.77 -4.34
CA GLU H 91 -9.68 8.75 -3.87
C GLU H 91 -9.40 10.15 -4.42
N ASP H 92 -8.18 10.38 -4.93
CA ASP H 92 -7.79 11.68 -5.44
C ASP H 92 -8.15 11.81 -6.92
N THR H 93 -8.55 10.71 -7.57
CA THR H 93 -8.89 10.76 -8.99
C THR H 93 -10.06 11.75 -9.14
N ALA H 94 -9.94 12.68 -10.08
CA ALA H 94 -10.86 13.84 -10.20
C ALA H 94 -10.37 14.79 -11.28
N VAL H 95 -11.26 15.66 -11.73
CA VAL H 95 -10.87 16.78 -12.58
C VAL H 95 -10.46 17.86 -11.59
N TYR H 96 -9.26 18.42 -11.76
CA TYR H 96 -8.72 19.45 -10.85
C TYR H 96 -8.74 20.82 -11.51
N TYR H 97 -9.27 21.81 -10.78
CA TYR H 97 -9.31 23.20 -11.28
C TYR H 97 -8.55 24.19 -10.39
N CYS H 98 -7.96 25.21 -11.00
CA CYS H 98 -7.53 26.41 -10.27
C CYS H 98 -8.53 27.50 -10.53
N ALA H 99 -8.56 28.48 -9.66
CA ALA H 99 -9.44 29.62 -9.83
C ALA H 99 -8.85 30.86 -9.19
N THR H 100 -9.28 32.03 -9.59
CA THR H 100 -8.91 33.24 -8.88
C THR H 100 -10.06 34.24 -8.72
N ARG H 101 -9.78 35.24 -7.88
CA ARG H 101 -10.72 36.28 -7.50
C ARG H 101 -9.94 37.56 -7.17
N ALA H 102 -10.61 38.70 -7.24
CA ALA H 102 -9.99 40.00 -6.94
C ALA H 102 -9.82 40.22 -5.42
N SER H 103 -9.13 39.30 -4.78
CA SER H 103 -8.97 39.38 -3.33
C SER H 103 -7.82 38.50 -2.85
N MET H 104 -7.21 38.91 -1.75
CA MET H 104 -6.05 38.17 -1.25
C MET H 104 -6.48 36.98 -0.39
N ALA H 105 -7.75 36.96 0.01
CA ALA H 105 -8.22 35.92 0.91
C ALA H 105 -8.63 34.63 0.21
N VAL H 106 -8.12 33.53 0.73
CA VAL H 106 -8.38 32.23 0.15
C VAL H 106 -9.69 31.73 0.73
N SER H 107 -10.73 31.69 -0.10
CA SER H 107 -12.03 31.13 0.27
C SER H 107 -12.15 29.65 -0.13
N THR H 108 -12.85 28.87 0.71
CA THR H 108 -13.04 27.44 0.48
C THR H 108 -14.28 27.16 -0.37
N SER H 109 -14.94 28.23 -0.83
CA SER H 109 -16.17 28.12 -1.56
C SER H 109 -15.94 28.48 -2.98
N PRO H 110 -16.33 27.60 -3.92
CA PRO H 110 -16.03 27.88 -5.32
C PRO H 110 -16.81 29.10 -5.88
N ARG H 111 -17.96 29.39 -5.32
CA ARG H 111 -18.81 30.44 -5.85
C ARG H 111 -18.20 31.83 -5.79
N VAL H 112 -17.23 32.09 -4.91
CA VAL H 112 -16.71 33.46 -4.83
C VAL H 112 -15.53 33.70 -5.76
N TYR H 113 -15.23 32.69 -6.60
CA TYR H 113 -14.17 32.84 -7.58
C TYR H 113 -14.74 33.05 -8.98
N PRO H 114 -14.55 34.24 -9.54
CA PRO H 114 -15.08 34.43 -10.90
C PRO H 114 -14.20 33.89 -12.06
N ILE H 115 -12.94 33.57 -11.82
CA ILE H 115 -12.04 33.21 -12.92
C ILE H 115 -11.65 31.77 -12.73
N TRP H 116 -11.89 30.94 -13.76
CA TRP H 116 -11.66 29.51 -13.69
C TRP H 116 -10.69 29.09 -14.77
N GLY H 117 -9.84 28.13 -14.46
CA GLY H 117 -9.08 27.44 -15.50
C GLY H 117 -9.92 26.33 -16.08
N GLN H 118 -9.46 25.79 -17.19
CA GLN H 118 -10.26 24.88 -17.98
C GLN H 118 -10.31 23.48 -17.36
N GLY H 119 -9.46 23.20 -16.38
CA GLY H 119 -9.51 21.94 -15.64
C GLY H 119 -8.67 20.86 -16.29
N THR H 120 -8.06 19.98 -15.49
CA THR H 120 -7.36 18.80 -16.04
C THR H 120 -7.70 17.55 -15.24
N GLN H 121 -7.81 16.44 -15.96
CA GLN H 121 -8.08 15.14 -15.37
C GLN H 121 -6.81 14.55 -14.76
N VAL H 122 -6.99 13.99 -13.58
CA VAL H 122 -5.95 13.30 -12.86
C VAL H 122 -6.54 11.95 -12.50
N THR H 123 -5.91 10.87 -12.96
CA THR H 123 -6.44 9.56 -12.68
C THR H 123 -5.38 8.73 -11.99
N VAL H 124 -5.76 8.11 -10.87
CA VAL H 124 -4.86 7.30 -10.10
C VAL H 124 -5.40 5.88 -10.14
N SER H 125 -4.59 4.91 -10.54
CA SER H 125 -4.99 3.50 -10.31
C SER H 125 -4.14 2.84 -9.23
N SER H 126 -4.65 1.76 -8.63
CA SER H 126 -3.89 1.04 -7.59
C SER H 126 -3.71 -0.45 -7.92
C12 9EG I . 28.29 -7.51 -14.69
C11 9EG I . 28.49 -6.17 -14.47
CL2 9EG I . 28.78 -10.18 -14.36
CL1 9EG I . 24.41 2.04 -16.32
C8 9EG I . 27.39 -4.03 -14.92
N1 9EG I . 27.64 -5.33 -15.14
C4 9EG I . 25.94 -2.25 -15.83
C5 9EG I . 25.96 -1.35 -14.77
C6 9EG I . 25.49 -0.07 -14.92
C1 9EG I . 24.98 0.35 -16.15
C2 9EG I . 24.98 -0.53 -17.23
C3 9EG I . 25.44 -1.83 -17.06
N7 9EG I . 26.45 -3.51 -15.76
O9 9EG I . 27.95 -3.39 -14.04
C13 9EG I . 29.07 -8.45 -14.04
C14 9EG I . 30.06 -8.07 -13.18
C15 9EG I . 30.28 -6.74 -12.92
C16 9EG I . 29.50 -5.79 -13.54
CL3 9EG I . 31.04 -9.37 -12.38
C12 9EG J . -4.70 8.40 22.69
C11 9EG J . -4.13 7.14 22.60
CL2 9EG J . -4.71 11.13 22.81
CL1 9EG J . -6.83 -1.81 21.93
C8 9EG J . -4.81 4.82 22.30
N1 9EG J . -5.02 6.12 22.57
C4 9EG J . -6.08 2.77 22.24
C5 9EG J . -7.11 2.14 22.93
C6 9EG J . -7.34 0.77 22.83
C1 9EG J . -6.53 -0.02 22.04
C2 9EG J . -5.49 0.59 21.35
C3 9EG J . -5.26 1.98 21.43
N7 9EG J . -5.92 4.10 22.48
O9 9EG J . -3.74 4.34 21.93
C13 9EG J . -3.90 9.53 22.70
C14 9EG J . -2.53 9.44 22.64
C15 9EG J . -1.94 8.17 22.57
C16 9EG J . -2.74 7.02 22.55
CL3 9EG J . -1.59 11.01 22.67
C12 9EG K . 4.49 22.33 -32.65
C11 9EG K . 3.96 21.27 -31.91
CL2 9EG K . 4.29 24.65 -34.03
CL1 9EG K . 6.81 14.20 -26.53
C8 9EG K . 4.69 19.45 -30.52
N1 9EG K . 4.88 20.42 -31.44
C4 9EG K . 6.02 17.71 -29.39
C5 9EG K . 7.03 16.79 -29.65
C6 9EG K . 7.29 15.71 -28.81
C1 9EG K . 6.53 15.56 -27.66
C2 9EG K . 5.52 16.46 -27.37
C3 9EG K . 5.24 17.54 -28.22
N7 9EG K . 5.80 18.69 -30.31
O9 9EG K . 3.65 19.29 -29.94
C13 9EG K . 3.61 23.29 -33.12
C14 9EG K . 2.24 23.22 -32.90
C15 9EG K . 1.72 22.19 -32.17
C16 9EG K . 2.57 21.21 -31.68
CL3 9EG K . 1.19 24.52 -33.56
C12 9EG L . -28.55 -26.03 23.91
C11 9EG L . -28.62 -25.11 22.89
CL2 9EG L . -29.20 -28.33 25.31
CL1 9EG L . -24.14 -17.49 19.85
C8 9EG L . -27.41 -23.13 22.08
N1 9EG L . -27.71 -24.10 22.98
C4 9EG L . -25.94 -21.16 21.89
C5 9EG L . -25.62 -20.04 22.63
C6 9EG L . -25.04 -18.91 22.00
C1 9EG L . -24.81 -18.92 20.62
C2 9EG L . -25.18 -19.99 19.85
C3 9EG L . -25.72 -21.14 20.49
N7 9EG L . -26.56 -22.20 22.56
O9 9EG L . -27.87 -23.16 20.94
C13 9EG L . -29.36 -27.16 23.93
C14 9EG L . -30.28 -27.32 22.92
C15 9EG L . -30.40 -26.42 21.87
C16 9EG L . -29.54 -25.32 21.85
CL3 9EG L . -31.34 -28.75 22.97
C12 9EG M . -17.01 -10.15 -2.02
C11 9EG M . -18.38 -9.90 -2.10
CL2 9EG M . -14.32 -9.50 -1.43
CL1 9EG M . -26.66 -14.10 -3.16
C8 9EG M . -20.53 -11.04 -2.49
N1 9EG M . -19.18 -10.93 -2.54
C4 9EG M . -22.30 -12.68 -2.85
C5 9EG M . -22.65 -13.76 -3.63
C6 9EG M . -23.97 -14.20 -3.74
C1 9EG M . -24.97 -13.55 -3.03
C2 9EG M . -24.66 -12.46 -2.26
C3 9EG M . -23.34 -12.02 -2.17
N7 9EG M . -21.00 -12.26 -2.87
O9 9EG M . -21.26 -10.10 -2.11
C13 9EG M . -16.11 -9.18 -1.55
C14 9EG M . -16.60 -7.95 -1.16
C15 9EG M . -17.96 -7.68 -1.21
C16 9EG M . -18.85 -8.64 -1.69
CL3 9EG M . -15.45 -6.71 -0.55
C12 9EG N . 20.68 10.94 3.47
C11 9EG N . 19.53 10.57 2.78
CL2 9EG N . 23.15 10.48 4.70
CL1 9EG N . 12.76 14.35 -2.23
C8 9EG N . 17.69 11.54 1.59
N1 9EG N . 18.68 11.56 2.48
C4 9EG N . 16.14 13.04 0.56
C5 9EG N . 15.52 14.28 0.75
C6 9EG N . 14.50 14.67 -0.11
C1 9EG N . 14.07 13.83 -1.13
C2 9EG N . 14.68 12.60 -1.32
C3 9EG N . 15.71 12.19 -0.47
N7 9EG N . 17.09 12.72 1.45
O9 9EG N . 17.37 10.54 0.93
C13 9EG N . 21.66 9.99 3.80
C14 9EG N . 21.48 8.67 3.39
C15 9EG N . 20.34 8.28 2.68
C16 9EG N . 19.36 9.23 2.37
CL3 9EG N . 22.76 7.46 3.80
C12 9EG O . 5.61 -36.29 9.85
C11 9EG O . 6.49 -36.19 10.92
CL2 9EG O . 3.52 -37.34 8.39
CL1 9EG O . 12.74 -30.84 15.25
C8 9EG O . 8.15 -34.78 11.99
N1 9EG O . 7.40 -35.16 10.92
C4 9EG O . 9.74 -33.08 12.62
C5 9EG O . 10.64 -32.19 12.04
C6 9EG O . 11.54 -31.50 12.85
C1 9EG O . 11.57 -31.72 14.23
C2 9EG O . 10.68 -32.60 14.81
C3 9EG O . 9.78 -33.29 14.01
N7 9EG O . 8.92 -33.72 11.77
O9 9EG O . 8.13 -35.35 13.07
C13 9EG O . 4.63 -37.27 9.79
C14 9EG O . 4.51 -38.17 10.81
C15 9EG O . 5.37 -38.11 11.89
C16 9EG O . 6.36 -37.13 11.95
CL3 9EG O . 3.25 -39.44 10.76
C12 9EG P . -8.28 38.16 -10.18
C11 9EG P . -6.91 38.27 -10.39
CL2 9EG P . -10.91 39.01 -10.38
CL1 9EG P . 1.04 33.61 -9.42
C8 9EG P . -4.88 36.98 -10.17
N1 9EG P . -6.17 37.24 -9.91
C4 9EG P . -3.18 35.35 -9.64
C5 9EG P . -2.81 34.48 -8.59
C6 9EG P . -1.53 33.96 -8.53
C1 9EG P . -0.60 34.29 -9.52
C2 9EG P . -0.95 35.16 -10.57
C3 9EG P . -2.23 35.69 -10.63
N7 9EG P . -4.42 35.87 -9.55
O9 9EG P . -4.20 37.69 -10.90
C13 9EG P . -9.14 39.15 -10.65
C14 9EG P . -8.64 40.24 -11.33
C15 9EG P . -7.27 40.35 -11.55
C16 9EG P . -6.41 39.38 -11.08
CL3 9EG P . -9.77 41.50 -11.93
#